data_3FR8
#
_entry.id   3FR8
#
_cell.length_a   162.060
_cell.length_b   162.060
_cell.length_c   196.470
_cell.angle_alpha   90.00
_cell.angle_beta   90.00
_cell.angle_gamma   90.00
#
_symmetry.space_group_name_H-M   'I 41 2 2'
#
loop_
_entity.id
_entity.type
_entity.pdbx_description
1 polymer 'Putative ketol-acid reductoisomerase (Os05g0573700 protein)'
2 non-polymer 'MAGNESIUM ION'
3 non-polymer 'SULFATE ION'
4 non-polymer 'NADPH DIHYDRO-NICOTINAMIDE-ADENINE-DINUCLEOTIDE PHOSPHATE'
5 non-polymer 2-{2-[2-(2-{2-[2-(2-ETHOXY-ETHOXY)-ETHOXY]-ETHOXY}-ETHOXY)-ETHOXY]-ETHOXY}-ETHANOL
6 non-polymer DI(HYDROXYETHYL)ETHER
7 water water
#
_entity_poly.entity_id   1
_entity_poly.type   'polypeptide(L)'
_entity_poly.pdbx_seq_one_letter_code
;MVAAPPAVGAAMPSLDFDTSVFNKEKVSLAGHEEYIVRGGRNLFPLLPEAFKGIKQIGVIGWGSQGPAQAQNLRDSLAEA
KSDIVVKIGLRKGSKSFDEARAAGFTEESGTLGDIWETVSGSDLVLLLISDAAQADNYEKIFSHMKPNSILGLSHGFLLG
HLQSAGLDFPKNISVIAVCPKGMGPSVRRLYVQGKEINGAGINSSFAVHQDVDGRATDVALGWSVALGSPFTFATTLEQE
YKSDIFGERGILLGAVHGIVEALFRRYTEQGMDEEMAYKNTVEGITGIISKTISKKGMLEVYNSLTEEGKKEFNKAYSAS
FYPCMDILYECYEDVASGSEIRSVVLAGRRFYEKEGLPAFPMGNIDQTRMWKVGEKVRSTRPENDLGPLHPFTAGVYVAL
MMAQIEVLRKKGHSYSEIINESVIESVDSLNPFMHARGVAFMVDNCSTTARLGSRKWAPRFDYILTQQAFVTVDKDAPIN
QDLISNFMSDPVHGAIEVCAELRPTVDISVPANADFVRPELRQSS
;
_entity_poly.pdbx_strand_id   A,B
#
# COMPACT_ATOMS: atom_id res chain seq x y z
N ALA A 10 -5.26 -23.73 -3.87
CA ALA A 10 -6.18 -24.75 -4.45
C ALA A 10 -7.15 -24.14 -5.47
N ALA A 11 -8.01 -24.99 -6.03
CA ALA A 11 -9.02 -24.61 -7.04
C ALA A 11 -8.44 -24.31 -8.42
N MET A 12 -9.12 -24.80 -9.45
CA MET A 12 -8.73 -24.57 -10.84
C MET A 12 -9.98 -24.28 -11.68
N PRO A 13 -9.89 -23.24 -12.52
CA PRO A 13 -11.05 -22.76 -13.26
C PRO A 13 -11.22 -23.38 -14.65
N SER A 14 -11.89 -24.53 -14.71
CA SER A 14 -12.29 -25.13 -15.98
C SER A 14 -13.50 -24.38 -16.52
N LEU A 15 -13.26 -23.51 -17.49
CA LEU A 15 -14.23 -22.51 -17.91
C LEU A 15 -14.73 -22.78 -19.33
N ASP A 16 -16.04 -22.96 -19.46
CA ASP A 16 -16.66 -23.24 -20.76
C ASP A 16 -17.78 -22.23 -21.09
N PHE A 17 -18.11 -22.15 -22.37
CA PHE A 17 -19.12 -21.21 -22.87
C PHE A 17 -19.79 -21.77 -24.13
N ASP A 18 -21.02 -21.34 -24.37
CA ASP A 18 -21.76 -21.75 -25.57
C ASP A 18 -21.69 -20.68 -26.65
N THR A 19 -21.19 -21.10 -27.82
CA THR A 19 -21.16 -20.23 -29.00
C THR A 19 -21.78 -20.93 -30.20
N SER A 20 -22.85 -20.33 -30.72
CA SER A 20 -23.62 -20.92 -31.82
C SER A 20 -23.07 -20.55 -33.20
N VAL A 21 -22.41 -19.39 -33.29
CA VAL A 21 -21.93 -18.88 -34.58
C VAL A 21 -20.42 -19.06 -34.79
N PHE A 22 -19.65 -18.95 -33.71
CA PHE A 22 -18.20 -19.07 -33.79
C PHE A 22 -17.70 -20.48 -33.52
N ASN A 23 -16.53 -20.80 -34.07
CA ASN A 23 -15.93 -22.11 -33.94
C ASN A 23 -14.97 -22.18 -32.75
N LYS A 24 -15.36 -22.97 -31.75
CA LYS A 24 -14.63 -23.10 -30.49
C LYS A 24 -13.61 -24.23 -30.61
N GLU A 25 -12.37 -23.97 -30.20
CA GLU A 25 -11.34 -25.01 -30.17
C GLU A 25 -10.71 -25.21 -28.79
N LYS A 26 -10.28 -26.45 -28.55
CA LYS A 26 -9.83 -26.89 -27.23
C LYS A 26 -8.30 -26.86 -27.13
N VAL A 27 -7.80 -26.55 -25.94
CA VAL A 27 -6.37 -26.63 -25.63
C VAL A 27 -6.12 -27.28 -24.27
N SER A 28 -5.05 -28.05 -24.17
CA SER A 28 -4.61 -28.61 -22.89
C SER A 28 -3.39 -27.85 -22.38
N LEU A 29 -3.52 -27.30 -21.18
CA LEU A 29 -2.43 -26.58 -20.54
C LEU A 29 -2.09 -27.22 -19.20
N ALA A 30 -0.96 -27.92 -19.17
CA ALA A 30 -0.48 -28.62 -17.97
C ALA A 30 -1.53 -29.56 -17.36
N GLY A 31 -2.32 -30.19 -18.22
CA GLY A 31 -3.35 -31.14 -17.79
C GLY A 31 -4.74 -30.54 -17.64
N HIS A 32 -4.88 -29.25 -17.89
CA HIS A 32 -6.17 -28.57 -17.77
C HIS A 32 -6.71 -28.14 -19.12
N GLU A 33 -8.01 -28.37 -19.31
CA GLU A 33 -8.68 -28.11 -20.57
C GLU A 33 -9.18 -26.67 -20.61
N GLU A 34 -8.96 -25.99 -21.73
CA GLU A 34 -9.47 -24.64 -21.95
C GLU A 34 -10.01 -24.47 -23.37
N TYR A 35 -10.86 -23.46 -23.57
CA TYR A 35 -11.46 -23.21 -24.87
C TYR A 35 -11.07 -21.84 -25.44
N ILE A 36 -10.71 -21.84 -26.71
CA ILE A 36 -10.16 -20.68 -27.40
C ILE A 36 -10.95 -20.37 -28.68
N VAL A 37 -11.01 -19.10 -29.05
CA VAL A 37 -11.61 -18.68 -30.31
C VAL A 37 -10.59 -17.94 -31.18
N ARG A 38 -10.14 -18.60 -32.25
CA ARG A 38 -9.23 -18.00 -33.22
C ARG A 38 -9.93 -16.88 -33.98
N GLY A 39 -9.19 -15.81 -34.26
CA GLY A 39 -9.73 -14.68 -35.02
C GLY A 39 -9.31 -14.71 -36.47
N GLY A 40 -9.33 -13.54 -37.11
CA GLY A 40 -8.91 -13.41 -38.49
C GLY A 40 -9.87 -12.59 -39.34
N ARG A 41 -9.30 -11.94 -40.35
CA ARG A 41 -10.03 -11.10 -41.29
CA ARG A 41 -10.04 -11.09 -41.28
C ARG A 41 -11.16 -11.86 -41.99
N ASN A 42 -10.97 -13.15 -42.17
CA ASN A 42 -11.95 -13.99 -42.88
C ASN A 42 -13.16 -14.44 -42.06
N LEU A 43 -13.23 -14.00 -40.80
CA LEU A 43 -14.38 -14.33 -39.95
C LEU A 43 -15.37 -13.17 -39.85
N PHE A 44 -15.08 -12.08 -40.56
CA PHE A 44 -15.94 -10.88 -40.54
C PHE A 44 -17.36 -11.08 -41.08
N PRO A 45 -17.55 -11.92 -42.11
CA PRO A 45 -18.93 -12.20 -42.55
C PRO A 45 -19.82 -12.88 -41.49
N LEU A 46 -19.23 -13.29 -40.37
CA LEU A 46 -19.98 -13.87 -39.26
C LEU A 46 -20.50 -12.80 -38.29
N LEU A 47 -19.96 -11.59 -38.39
CA LEU A 47 -20.33 -10.47 -37.51
C LEU A 47 -21.81 -10.08 -37.55
N PRO A 48 -22.42 -10.01 -38.76
CA PRO A 48 -23.86 -9.72 -38.84
C PRO A 48 -24.72 -10.61 -37.93
N GLU A 49 -24.46 -11.91 -37.95
CA GLU A 49 -25.17 -12.86 -37.11
C GLU A 49 -24.70 -12.80 -35.65
N ALA A 50 -23.40 -12.53 -35.46
CA ALA A 50 -22.82 -12.40 -34.12
C ALA A 50 -23.45 -11.26 -33.33
N PHE A 51 -23.68 -10.13 -34.01
CA PHE A 51 -24.37 -8.99 -33.41
C PHE A 51 -25.85 -9.01 -33.79
N LYS A 52 -26.47 -10.19 -33.68
CA LYS A 52 -27.83 -10.44 -34.15
C LYS A 52 -28.82 -9.28 -33.99
N GLY A 53 -28.99 -8.81 -32.76
CA GLY A 53 -30.00 -7.79 -32.46
C GLY A 53 -29.45 -6.40 -32.21
N ILE A 54 -28.27 -6.11 -32.74
CA ILE A 54 -27.64 -4.81 -32.56
C ILE A 54 -27.80 -3.95 -33.82
N LYS A 55 -28.18 -2.69 -33.61
CA LYS A 55 -28.32 -1.73 -34.71
C LYS A 55 -27.28 -0.62 -34.58
N GLN A 56 -26.74 -0.46 -33.37
CA GLN A 56 -25.77 0.58 -33.07
C GLN A 56 -24.82 0.17 -31.95
N ILE A 57 -23.52 0.34 -32.18
CA ILE A 57 -22.52 0.17 -31.15
C ILE A 57 -22.09 1.55 -30.65
N GLY A 58 -22.26 1.78 -29.34
CA GLY A 58 -21.86 3.03 -28.72
C GLY A 58 -20.53 2.94 -28.01
N VAL A 59 -19.50 3.50 -28.64
CA VAL A 59 -18.18 3.60 -28.02
C VAL A 59 -18.12 4.88 -27.20
N ILE A 60 -18.04 4.73 -25.88
CA ILE A 60 -17.99 5.87 -24.98
C ILE A 60 -16.54 6.14 -24.55
N GLY A 61 -16.03 7.31 -24.93
CA GLY A 61 -14.67 7.71 -24.58
C GLY A 61 -13.72 7.74 -25.75
N TRP A 62 -12.81 8.72 -25.74
CA TRP A 62 -11.81 8.89 -26.79
C TRP A 62 -10.44 9.11 -26.15
N GLY A 63 -9.90 8.04 -25.58
CA GLY A 63 -8.59 8.06 -24.95
C GLY A 63 -8.03 6.66 -24.90
N SER A 64 -6.93 6.45 -25.62
CA SER A 64 -6.23 5.15 -25.69
C SER A 64 -7.05 4.05 -26.37
N GLN A 65 -7.88 3.34 -25.61
CA GLN A 65 -8.70 2.24 -26.14
C GLN A 65 -9.84 2.72 -27.02
N GLY A 66 -10.44 3.85 -26.65
CA GLY A 66 -11.58 4.43 -27.37
C GLY A 66 -11.41 4.60 -28.87
N PRO A 67 -10.41 5.40 -29.29
CA PRO A 67 -10.18 5.64 -30.72
C PRO A 67 -9.88 4.36 -31.51
N ALA A 68 -9.05 3.49 -30.94
CA ALA A 68 -8.59 2.27 -31.60
C ALA A 68 -9.71 1.26 -31.85
N GLN A 69 -10.48 0.97 -30.81
CA GLN A 69 -11.56 -0.01 -30.88
C GLN A 69 -12.67 0.42 -31.83
N ALA A 70 -13.03 1.70 -31.78
CA ALA A 70 -14.08 2.26 -32.64
C ALA A 70 -13.72 2.14 -34.12
N GLN A 71 -12.46 2.46 -34.44
CA GLN A 71 -11.94 2.32 -35.80
C GLN A 71 -11.83 0.85 -36.20
N ASN A 72 -11.45 0.01 -35.24
CA ASN A 72 -11.37 -1.43 -35.45
C ASN A 72 -12.73 -2.11 -35.59
N LEU A 73 -13.77 -1.46 -35.09
CA LEU A 73 -15.14 -1.93 -35.30
C LEU A 73 -15.67 -1.40 -36.63
N ARG A 74 -15.53 -0.09 -36.83
CA ARG A 74 -15.98 0.59 -38.05
C ARG A 74 -15.39 -0.07 -39.30
N ASP A 75 -14.06 -0.18 -39.35
CA ASP A 75 -13.40 -1.08 -40.29
C ASP A 75 -13.56 -2.47 -39.70
N SER A 76 -14.18 -3.37 -40.45
CA SER A 76 -14.53 -4.73 -40.01
C SER A 76 -15.99 -5.05 -40.31
N LEU A 77 -16.86 -4.03 -40.36
CA LEU A 77 -18.28 -4.26 -40.62
C LEU A 77 -19.08 -3.19 -41.47
N ALA A 78 -18.45 -2.33 -42.29
CA ALA A 78 -17.26 -2.53 -43.15
C ALA A 78 -17.20 -3.84 -43.95
N GLU A 79 -16.16 -4.64 -43.73
CA GLU A 79 -15.93 -5.86 -44.51
C GLU A 79 -17.09 -6.85 -44.45
N ALA A 80 -17.90 -6.73 -43.40
CA ALA A 80 -19.11 -7.55 -43.23
C ALA A 80 -20.29 -6.99 -44.03
N LYS A 81 -20.18 -5.73 -44.43
CA LYS A 81 -21.27 -4.97 -45.07
C LYS A 81 -22.52 -4.94 -44.20
N SER A 82 -22.33 -4.50 -42.96
CA SER A 82 -23.42 -4.47 -41.97
C SER A 82 -23.91 -3.04 -41.73
N ASP A 83 -25.19 -2.91 -41.39
CA ASP A 83 -25.83 -1.63 -41.13
C ASP A 83 -25.40 -0.99 -39.80
N ILE A 84 -24.88 -1.80 -38.89
CA ILE A 84 -24.49 -1.37 -37.55
C ILE A 84 -23.70 -0.06 -37.55
N VAL A 85 -24.15 0.89 -36.74
CA VAL A 85 -23.51 2.21 -36.65
C VAL A 85 -22.57 2.26 -35.44
N VAL A 86 -21.34 2.70 -35.68
CA VAL A 86 -20.36 2.90 -34.60
C VAL A 86 -20.38 4.37 -34.21
N LYS A 87 -21.03 4.66 -33.09
CA LYS A 87 -21.21 6.03 -32.62
C LYS A 87 -20.31 6.36 -31.43
N ILE A 88 -19.64 7.50 -31.49
CA ILE A 88 -18.79 7.97 -30.40
C ILE A 88 -19.56 8.91 -29.48
N GLY A 89 -19.56 8.57 -28.19
CA GLY A 89 -20.20 9.38 -27.16
C GLY A 89 -19.17 10.05 -26.28
N LEU A 90 -19.31 11.37 -26.10
CA LEU A 90 -18.37 12.16 -25.30
C LEU A 90 -19.11 13.15 -24.41
N ARG A 91 -18.44 13.61 -23.35
CA ARG A 91 -19.00 14.61 -22.43
C ARG A 91 -19.25 15.94 -23.14
N LYS A 92 -20.12 16.75 -22.56
CA LYS A 92 -20.51 18.04 -23.13
C LYS A 92 -19.30 18.94 -23.43
N GLY A 93 -18.36 19.01 -22.50
CA GLY A 93 -17.16 19.84 -22.65
C GLY A 93 -15.91 19.05 -22.91
N SER A 94 -16.00 18.04 -23.77
CA SER A 94 -14.84 17.22 -24.15
C SER A 94 -13.96 17.94 -25.17
N LYS A 95 -12.66 17.68 -25.09
CA LYS A 95 -11.69 18.30 -25.98
C LYS A 95 -11.33 17.37 -27.14
N SER A 96 -11.97 16.21 -27.17
CA SER A 96 -11.68 15.16 -28.16
C SER A 96 -12.67 15.14 -29.34
N PHE A 97 -13.57 16.12 -29.39
CA PHE A 97 -14.60 16.18 -30.42
C PHE A 97 -14.05 16.34 -31.84
N ASP A 98 -13.27 17.38 -32.07
CA ASP A 98 -12.68 17.64 -33.39
C ASP A 98 -11.53 16.69 -33.73
N GLU A 99 -11.10 15.91 -32.75
CA GLU A 99 -10.14 14.83 -32.97
C GLU A 99 -10.83 13.61 -33.58
N ALA A 100 -12.04 13.35 -33.13
CA ALA A 100 -12.85 12.24 -33.64
C ALA A 100 -13.40 12.52 -35.05
N ARG A 101 -13.66 13.80 -35.33
CA ARG A 101 -14.11 14.23 -36.66
C ARG A 101 -12.98 14.11 -37.68
N ALA A 102 -11.74 14.23 -37.21
CA ALA A 102 -10.56 14.00 -38.03
C ALA A 102 -10.40 12.51 -38.37
N ALA A 103 -11.01 11.67 -37.54
CA ALA A 103 -11.02 10.22 -37.74
C ALA A 103 -12.25 9.74 -38.51
N GLY A 104 -13.12 10.68 -38.87
CA GLY A 104 -14.31 10.38 -39.65
C GLY A 104 -15.54 9.99 -38.84
N PHE A 105 -15.62 10.51 -37.62
CA PHE A 105 -16.79 10.34 -36.78
C PHE A 105 -17.51 11.67 -36.62
N THR A 106 -18.67 11.81 -37.26
CA THR A 106 -19.38 13.09 -37.33
C THR A 106 -20.86 12.97 -36.93
N GLU A 107 -21.48 14.12 -36.68
CA GLU A 107 -22.91 14.20 -36.39
C GLU A 107 -23.74 14.01 -37.66
N GLU A 108 -23.20 14.48 -38.79
CA GLU A 108 -23.85 14.36 -40.09
C GLU A 108 -24.11 12.91 -40.49
N SER A 109 -23.16 12.04 -40.15
CA SER A 109 -23.30 10.60 -40.35
C SER A 109 -23.98 9.93 -39.16
N GLY A 110 -24.05 10.66 -38.04
CA GLY A 110 -24.63 10.15 -36.81
C GLY A 110 -23.71 9.16 -36.10
N THR A 111 -22.40 9.35 -36.29
CA THR A 111 -21.38 8.47 -35.72
C THR A 111 -20.61 9.15 -34.60
N LEU A 112 -21.03 10.37 -34.27
CA LEU A 112 -20.51 11.12 -33.11
C LEU A 112 -21.65 11.89 -32.46
N GLY A 113 -21.76 11.78 -31.15
CA GLY A 113 -22.80 12.49 -30.41
C GLY A 113 -22.50 12.66 -28.93
N ASP A 114 -23.53 13.07 -28.19
CA ASP A 114 -23.45 13.22 -26.74
C ASP A 114 -23.31 11.85 -26.07
N ILE A 115 -22.55 11.81 -24.97
CA ILE A 115 -22.34 10.59 -24.18
C ILE A 115 -23.64 9.87 -23.83
N TRP A 116 -24.62 10.62 -23.33
CA TRP A 116 -25.87 10.04 -22.83
C TRP A 116 -26.92 9.80 -23.91
N GLU A 117 -26.85 10.58 -25.00
CA GLU A 117 -27.67 10.33 -26.18
C GLU A 117 -27.27 9.01 -26.84
N THR A 118 -25.97 8.72 -26.80
CA THR A 118 -25.42 7.50 -27.38
C THR A 118 -25.84 6.24 -26.61
N VAL A 119 -25.67 6.27 -25.28
CA VAL A 119 -26.01 5.13 -24.43
C VAL A 119 -27.47 4.70 -24.57
N SER A 120 -28.37 5.69 -24.61
CA SER A 120 -29.80 5.44 -24.75
C SER A 120 -30.20 4.82 -26.07
N GLY A 121 -29.47 5.16 -27.14
CA GLY A 121 -29.75 4.65 -28.48
C GLY A 121 -28.81 3.55 -28.94
N SER A 122 -28.07 2.96 -27.99
CA SER A 122 -27.12 1.89 -28.32
C SER A 122 -27.55 0.53 -27.78
N ASP A 123 -27.46 -0.48 -28.65
CA ASP A 123 -27.78 -1.86 -28.28
C ASP A 123 -26.58 -2.52 -27.62
N LEU A 124 -25.38 -2.07 -28.00
CA LEU A 124 -24.14 -2.49 -27.36
C LEU A 124 -23.31 -1.24 -27.07
N VAL A 125 -23.13 -0.94 -25.79
CA VAL A 125 -22.35 0.23 -25.37
C VAL A 125 -21.08 -0.19 -24.65
N LEU A 126 -19.95 0.23 -25.23
CA LEU A 126 -18.63 -0.08 -24.69
C LEU A 126 -18.18 1.09 -23.83
N LEU A 127 -17.87 0.79 -22.57
CA LEU A 127 -17.46 1.82 -21.62
C LEU A 127 -15.94 1.95 -21.58
N LEU A 128 -15.40 2.69 -22.54
CA LEU A 128 -13.96 2.85 -22.70
C LEU A 128 -13.44 4.18 -22.14
N ILE A 129 -14.18 4.73 -21.18
CA ILE A 129 -13.73 5.90 -20.42
C ILE A 129 -12.77 5.44 -19.32
N SER A 130 -12.15 6.39 -18.63
CA SER A 130 -11.17 6.07 -17.58
C SER A 130 -11.80 5.31 -16.41
N ASP A 131 -11.00 4.50 -15.73
CA ASP A 131 -11.46 3.67 -14.61
C ASP A 131 -12.05 4.50 -13.47
N ALA A 132 -11.40 5.62 -13.17
CA ALA A 132 -11.86 6.55 -12.14
C ALA A 132 -13.19 7.21 -12.51
N ALA A 133 -13.40 7.41 -13.81
CA ALA A 133 -14.66 7.94 -14.33
C ALA A 133 -15.79 6.92 -14.19
N GLN A 134 -15.50 5.67 -14.53
CA GLN A 134 -16.46 4.57 -14.45
C GLN A 134 -16.99 4.37 -13.03
N ALA A 135 -16.12 4.57 -12.04
CA ALA A 135 -16.45 4.38 -10.63
C ALA A 135 -17.32 5.50 -10.06
N ASP A 136 -17.16 6.70 -10.62
CA ASP A 136 -17.87 7.88 -10.11
C ASP A 136 -18.97 8.38 -11.04
N ASN A 137 -19.36 7.55 -12.01
CA ASN A 137 -20.43 7.90 -12.96
C ASN A 137 -21.30 6.71 -13.40
N TYR A 138 -21.15 5.56 -12.73
CA TYR A 138 -21.82 4.32 -13.14
C TYR A 138 -23.34 4.36 -13.04
N GLU A 139 -23.86 5.08 -12.04
CA GLU A 139 -25.30 5.18 -11.81
C GLU A 139 -26.04 5.76 -13.01
N LYS A 140 -25.53 6.89 -13.51
CA LYS A 140 -26.12 7.57 -14.65
C LYS A 140 -26.06 6.69 -15.91
N ILE A 141 -25.03 5.87 -16.00
CA ILE A 141 -24.84 4.94 -17.13
C ILE A 141 -25.92 3.85 -17.15
N PHE A 142 -26.11 3.21 -16.00
CA PHE A 142 -27.08 2.12 -15.86
C PHE A 142 -28.51 2.57 -16.14
N SER A 143 -28.83 3.80 -15.74
CA SER A 143 -30.15 4.38 -15.97
C SER A 143 -30.41 4.65 -17.45
N HIS A 144 -29.34 4.90 -18.21
CA HIS A 144 -29.44 5.19 -19.64
C HIS A 144 -29.45 3.94 -20.52
N MET A 145 -29.16 2.78 -19.92
CA MET A 145 -29.16 1.51 -20.64
C MET A 145 -30.58 1.10 -21.06
N LYS A 146 -30.69 0.58 -22.27
CA LYS A 146 -31.93 -0.03 -22.73
C LYS A 146 -32.09 -1.39 -22.06
N PRO A 147 -33.32 -1.74 -21.62
CA PRO A 147 -33.56 -3.07 -21.08
C PRO A 147 -33.25 -4.14 -22.13
N ASN A 148 -32.38 -5.08 -21.76
CA ASN A 148 -31.89 -6.15 -22.64
C ASN A 148 -30.81 -5.72 -23.63
N SER A 149 -30.22 -4.54 -23.41
CA SER A 149 -29.03 -4.12 -24.15
C SER A 149 -27.77 -4.62 -23.44
N ILE A 150 -26.62 -4.40 -24.05
CA ILE A 150 -25.37 -4.97 -23.54
C ILE A 150 -24.32 -3.91 -23.21
N LEU A 151 -23.79 -3.98 -21.98
CA LEU A 151 -22.67 -3.15 -21.56
C LEU A 151 -21.37 -3.93 -21.73
N GLY A 152 -20.47 -3.38 -22.55
CA GLY A 152 -19.18 -3.99 -22.82
C GLY A 152 -18.06 -3.30 -22.08
N LEU A 153 -17.16 -4.09 -21.50
CA LEU A 153 -16.02 -3.56 -20.76
C LEU A 153 -14.71 -4.13 -21.30
N SER A 154 -13.67 -3.30 -21.29
CA SER A 154 -12.32 -3.75 -21.64
C SER A 154 -11.47 -3.98 -20.38
N HIS A 155 -12.11 -3.88 -19.23
CA HIS A 155 -11.49 -4.14 -17.93
C HIS A 155 -12.57 -4.32 -16.86
N GLY A 156 -12.28 -5.13 -15.85
CA GLY A 156 -13.25 -5.45 -14.81
C GLY A 156 -13.25 -4.53 -13.61
N PHE A 157 -12.61 -3.37 -13.75
CA PHE A 157 -12.48 -2.39 -12.67
C PHE A 157 -13.84 -2.02 -12.07
N LEU A 158 -14.81 -1.76 -12.95
CA LEU A 158 -16.15 -1.35 -12.52
C LEU A 158 -16.83 -2.38 -11.63
N LEU A 159 -16.66 -3.67 -11.97
CA LEU A 159 -17.24 -4.76 -11.17
C LEU A 159 -16.62 -4.82 -9.78
N GLY A 160 -15.29 -4.74 -9.72
CA GLY A 160 -14.57 -4.75 -8.45
C GLY A 160 -14.96 -3.60 -7.55
N HIS A 161 -15.22 -2.45 -8.17
CA HIS A 161 -15.70 -1.26 -7.47
C HIS A 161 -17.12 -1.47 -6.94
N LEU A 162 -17.97 -2.08 -7.77
CA LEU A 162 -19.35 -2.40 -7.39
C LEU A 162 -19.41 -3.48 -6.31
N GLN A 163 -18.62 -4.54 -6.48
CA GLN A 163 -18.56 -5.66 -5.54
C GLN A 163 -18.10 -5.23 -4.14
N SER A 164 -17.08 -4.37 -4.10
CA SER A 164 -16.52 -3.88 -2.83
C SER A 164 -17.47 -2.95 -2.09
N ALA A 165 -18.52 -2.50 -2.78
CA ALA A 165 -19.57 -1.69 -2.17
C ALA A 165 -20.83 -2.51 -1.90
N GLY A 166 -20.76 -3.81 -2.19
CA GLY A 166 -21.89 -4.72 -2.01
C GLY A 166 -22.97 -4.53 -3.05
N LEU A 167 -22.56 -4.08 -4.24
CA LEU A 167 -23.49 -3.79 -5.33
C LEU A 167 -23.13 -4.58 -6.59
N ASP A 168 -24.00 -4.50 -7.60
CA ASP A 168 -23.78 -5.18 -8.88
C ASP A 168 -24.51 -4.44 -10.01
N PHE A 169 -24.20 -4.81 -11.24
CA PHE A 169 -24.87 -4.29 -12.43
C PHE A 169 -26.36 -4.60 -12.39
N PRO A 170 -27.21 -3.75 -13.02
CA PRO A 170 -28.65 -4.01 -13.03
C PRO A 170 -29.01 -5.37 -13.62
N LYS A 171 -30.17 -5.89 -13.22
CA LYS A 171 -30.61 -7.23 -13.63
C LYS A 171 -30.96 -7.30 -15.12
N ASN A 172 -31.54 -6.22 -15.63
CA ASN A 172 -32.10 -6.19 -17.00
C ASN A 172 -31.10 -5.84 -18.11
N ILE A 173 -29.82 -6.07 -17.84
CA ILE A 173 -28.75 -5.71 -18.77
C ILE A 173 -27.67 -6.79 -18.81
N SER A 174 -27.30 -7.21 -20.02
CA SER A 174 -26.19 -8.15 -20.21
C SER A 174 -24.85 -7.44 -20.01
N VAL A 175 -23.94 -8.10 -19.30
CA VAL A 175 -22.62 -7.54 -19.04
C VAL A 175 -21.53 -8.45 -19.59
N ILE A 176 -20.78 -7.94 -20.56
CA ILE A 176 -19.68 -8.69 -21.19
C ILE A 176 -18.36 -7.92 -21.08
N ALA A 177 -17.25 -8.62 -21.38
CA ALA A 177 -15.94 -8.00 -21.36
C ALA A 177 -15.04 -8.54 -22.47
N VAL A 178 -14.44 -7.63 -23.23
CA VAL A 178 -13.39 -7.99 -24.18
C VAL A 178 -12.16 -7.14 -23.84
N CYS A 179 -11.11 -7.80 -23.37
CA CYS A 179 -9.94 -7.12 -22.87
C CYS A 179 -8.70 -7.46 -23.70
N PRO A 180 -8.26 -6.51 -24.54
CA PRO A 180 -7.03 -6.70 -25.33
C PRO A 180 -5.78 -6.68 -24.46
N LYS A 181 -4.87 -7.63 -24.69
CA LYS A 181 -3.63 -7.73 -23.93
C LYS A 181 -2.56 -6.78 -24.48
N GLY A 182 -2.96 -5.52 -24.67
CA GLY A 182 -2.08 -4.49 -25.21
C GLY A 182 -2.71 -3.11 -25.13
N MET A 183 -1.89 -2.08 -25.32
CA MET A 183 -2.35 -0.69 -25.22
C MET A 183 -3.10 -0.20 -26.47
N GLY A 184 -3.90 0.84 -26.28
CA GLY A 184 -4.73 1.43 -27.33
C GLY A 184 -4.04 1.65 -28.68
N PRO A 185 -2.99 2.48 -28.72
CA PRO A 185 -2.25 2.74 -29.96
C PRO A 185 -1.82 1.48 -30.72
N SER A 186 -1.47 0.43 -29.98
CA SER A 186 -1.03 -0.84 -30.58
C SER A 186 -2.17 -1.64 -31.23
N VAL A 187 -3.35 -1.62 -30.58
CA VAL A 187 -4.53 -2.35 -31.06
C VAL A 187 -4.93 -1.91 -32.48
N ARG A 188 -4.75 -0.62 -32.77
CA ARG A 188 -5.02 -0.07 -34.10
C ARG A 188 -3.83 -0.27 -35.04
N ARG A 189 -2.62 -0.05 -34.53
CA ARG A 189 -1.38 -0.20 -35.30
C ARG A 189 -1.24 -1.61 -35.89
N LEU A 190 -1.59 -2.62 -35.10
CA LEU A 190 -1.46 -4.01 -35.54
C LEU A 190 -2.68 -4.51 -36.31
N TYR A 191 -3.80 -3.80 -36.18
CA TYR A 191 -4.99 -4.09 -36.95
C TYR A 191 -4.79 -3.72 -38.42
N VAL A 192 -4.22 -2.56 -38.66
CA VAL A 192 -3.95 -2.07 -40.02
C VAL A 192 -2.83 -2.87 -40.70
N GLN A 193 -1.94 -3.44 -39.90
CA GLN A 193 -0.91 -4.36 -40.38
C GLN A 193 -1.50 -5.74 -40.62
N GLY A 194 -2.59 -6.05 -39.91
CA GLY A 194 -3.31 -7.31 -40.07
C GLY A 194 -4.08 -7.39 -41.37
N LYS A 195 -4.18 -6.26 -42.07
CA LYS A 195 -4.74 -6.20 -43.41
C LYS A 195 -3.71 -6.68 -44.42
N GLU A 196 -2.44 -6.36 -44.15
CA GLU A 196 -1.33 -6.80 -44.99
C GLU A 196 -0.93 -8.24 -44.66
N ILE A 197 -0.45 -8.45 -43.43
CA ILE A 197 0.06 -9.77 -43.03
C ILE A 197 -0.81 -10.48 -41.99
N ASN A 198 -1.09 -11.75 -42.26
CA ASN A 198 -2.03 -12.56 -41.49
C ASN A 198 -1.53 -12.90 -40.09
N GLY A 199 -2.42 -12.75 -39.11
CA GLY A 199 -2.12 -13.10 -37.72
C GLY A 199 -1.68 -11.93 -36.86
N ALA A 200 -1.48 -10.78 -37.50
CA ALA A 200 -1.07 -9.55 -36.80
C ALA A 200 -2.24 -8.98 -36.00
N GLY A 201 -1.95 -8.51 -34.80
CA GLY A 201 -2.97 -7.96 -33.92
C GLY A 201 -2.63 -8.13 -32.46
N ILE A 202 -3.60 -7.83 -31.59
CA ILE A 202 -3.44 -7.97 -30.15
C ILE A 202 -4.44 -8.98 -29.63
N ASN A 203 -3.95 -10.02 -28.97
CA ASN A 203 -4.79 -11.03 -28.33
C ASN A 203 -5.68 -10.43 -27.24
N SER A 204 -6.82 -11.06 -27.01
CA SER A 204 -7.77 -10.59 -26.00
C SER A 204 -8.27 -11.73 -25.12
N SER A 205 -8.84 -11.37 -23.97
CA SER A 205 -9.60 -12.31 -23.16
C SER A 205 -11.03 -11.78 -23.04
N PHE A 206 -11.99 -12.68 -23.02
CA PHE A 206 -13.39 -12.29 -22.92
C PHE A 206 -14.07 -12.88 -21.68
N ALA A 207 -15.13 -12.21 -21.23
CA ALA A 207 -15.91 -12.66 -20.08
C ALA A 207 -17.39 -12.34 -20.28
N VAL A 208 -18.25 -13.15 -19.66
CA VAL A 208 -19.69 -12.92 -19.67
C VAL A 208 -20.22 -12.93 -18.23
N HIS A 209 -20.48 -11.74 -17.70
CA HIS A 209 -20.93 -11.57 -16.33
C HIS A 209 -22.44 -11.81 -16.21
N GLN A 210 -23.21 -11.18 -17.10
CA GLN A 210 -24.66 -11.35 -17.13
C GLN A 210 -25.15 -11.56 -18.56
N ASP A 211 -26.15 -12.43 -18.72
CA ASP A 211 -26.70 -12.76 -20.03
C ASP A 211 -28.22 -12.94 -19.93
N VAL A 212 -28.96 -11.88 -20.26
CA VAL A 212 -30.40 -11.84 -20.04
C VAL A 212 -31.23 -12.58 -21.09
N ASP A 213 -30.67 -12.82 -22.27
CA ASP A 213 -31.40 -13.46 -23.36
C ASP A 213 -30.69 -14.67 -23.97
N GLY A 214 -29.36 -14.62 -23.98
CA GLY A 214 -28.55 -15.68 -24.59
C GLY A 214 -27.76 -15.21 -25.80
N ARG A 215 -27.61 -13.88 -25.91
CA ARG A 215 -26.89 -13.28 -27.03
C ARG A 215 -25.47 -12.85 -26.64
N ALA A 216 -25.27 -12.63 -25.34
CA ALA A 216 -24.05 -12.04 -24.80
C ALA A 216 -22.74 -12.75 -25.16
N THR A 217 -22.74 -14.08 -25.08
CA THR A 217 -21.56 -14.89 -25.40
C THR A 217 -21.09 -14.71 -26.84
N ASP A 218 -22.04 -14.65 -27.78
CA ASP A 218 -21.73 -14.45 -29.20
C ASP A 218 -21.31 -13.02 -29.51
N VAL A 219 -21.97 -12.05 -28.88
CA VAL A 219 -21.69 -10.63 -29.07
C VAL A 219 -20.25 -10.28 -28.64
N ALA A 220 -19.84 -10.79 -27.48
CA ALA A 220 -18.49 -10.58 -26.98
C ALA A 220 -17.44 -11.10 -27.95
N LEU A 221 -17.62 -12.34 -28.40
CA LEU A 221 -16.73 -12.96 -29.38
C LEU A 221 -16.66 -12.16 -30.67
N GLY A 222 -17.82 -11.71 -31.15
CA GLY A 222 -17.89 -10.85 -32.33
C GLY A 222 -17.09 -9.58 -32.14
N TRP A 223 -17.31 -8.91 -31.02
CA TRP A 223 -16.58 -7.69 -30.67
C TRP A 223 -15.08 -7.96 -30.62
N SER A 224 -14.68 -9.07 -30.01
CA SER A 224 -13.28 -9.46 -29.93
C SER A 224 -12.62 -9.66 -31.30
N VAL A 225 -13.29 -10.42 -32.19
CA VAL A 225 -12.73 -10.67 -33.52
C VAL A 225 -12.80 -9.44 -34.42
N ALA A 226 -13.74 -8.54 -34.13
CA ALA A 226 -13.85 -7.26 -34.83
C ALA A 226 -12.64 -6.37 -34.56
N LEU A 227 -12.15 -6.38 -33.32
CA LEU A 227 -10.96 -5.64 -32.93
C LEU A 227 -9.69 -6.22 -33.56
N GLY A 228 -9.83 -7.40 -34.17
CA GLY A 228 -8.73 -8.07 -34.84
C GLY A 228 -7.88 -8.90 -33.89
N SER A 229 -8.53 -9.47 -32.88
CA SER A 229 -7.87 -10.36 -31.93
C SER A 229 -7.57 -11.70 -32.61
N PRO A 230 -6.28 -12.03 -32.78
CA PRO A 230 -5.89 -13.31 -33.37
C PRO A 230 -6.35 -14.49 -32.52
N PHE A 231 -6.27 -14.34 -31.21
CA PHE A 231 -6.74 -15.36 -30.28
C PHE A 231 -7.53 -14.73 -29.13
N THR A 232 -8.67 -15.32 -28.82
CA THR A 232 -9.52 -14.86 -27.72
C THR A 232 -9.61 -15.94 -26.64
N PHE A 233 -9.22 -15.58 -25.42
CA PHE A 233 -9.20 -16.51 -24.29
C PHE A 233 -10.43 -16.32 -23.39
N ALA A 234 -10.81 -17.37 -22.68
CA ALA A 234 -11.98 -17.35 -21.82
C ALA A 234 -11.63 -17.13 -20.35
N THR A 235 -12.26 -16.13 -19.75
CA THR A 235 -12.11 -15.84 -18.31
C THR A 235 -13.43 -15.35 -17.72
N THR A 236 -13.45 -15.12 -16.40
CA THR A 236 -14.57 -14.45 -15.76
C THR A 236 -14.21 -12.99 -15.50
N LEU A 237 -15.24 -12.15 -15.35
CA LEU A 237 -15.04 -10.72 -15.13
C LEU A 237 -14.32 -10.48 -13.79
N GLU A 238 -14.65 -11.31 -12.80
CA GLU A 238 -14.01 -11.24 -11.48
C GLU A 238 -12.53 -11.61 -11.54
N GLN A 239 -12.21 -12.69 -12.24
CA GLN A 239 -10.82 -13.13 -12.41
C GLN A 239 -10.01 -12.19 -13.29
N GLU A 240 -10.68 -11.51 -14.22
CA GLU A 240 -10.02 -10.56 -15.12
C GLU A 240 -9.36 -9.42 -14.35
N TYR A 241 -10.14 -8.70 -13.55
CA TYR A 241 -9.63 -7.55 -12.81
C TYR A 241 -8.67 -7.95 -11.70
N LYS A 242 -8.92 -9.09 -11.06
CA LYS A 242 -8.03 -9.60 -10.03
C LYS A 242 -6.66 -9.90 -10.60
N SER A 243 -6.62 -10.50 -11.79
CA SER A 243 -5.35 -10.85 -12.44
C SER A 243 -4.69 -9.66 -13.14
N ASP A 244 -5.49 -8.77 -13.72
CA ASP A 244 -4.98 -7.62 -14.46
C ASP A 244 -4.39 -6.53 -13.57
N ILE A 245 -5.15 -6.14 -12.55
CA ILE A 245 -4.73 -5.10 -11.60
C ILE A 245 -3.49 -5.57 -10.81
N PHE A 246 -3.48 -6.85 -10.46
CA PHE A 246 -2.34 -7.48 -9.80
C PHE A 246 -1.16 -7.64 -10.74
N GLY A 247 -1.45 -8.00 -11.99
CA GLY A 247 -0.43 -8.26 -13.01
C GLY A 247 0.50 -7.08 -13.25
N GLU A 248 -0.09 -5.90 -13.45
CA GLU A 248 0.67 -4.68 -13.73
C GLU A 248 1.49 -4.21 -12.53
N ARG A 249 1.04 -4.55 -11.32
CA ARG A 249 1.78 -4.29 -10.09
C ARG A 249 2.85 -5.35 -9.87
N GLY A 250 2.67 -6.49 -10.51
CA GLY A 250 3.63 -7.59 -10.47
C GLY A 250 4.71 -7.42 -11.53
N ILE A 251 5.00 -8.51 -12.24
CA ILE A 251 6.11 -8.58 -13.18
C ILE A 251 6.02 -7.64 -14.39
N LEU A 252 4.81 -7.19 -14.71
CA LEU A 252 4.59 -6.37 -15.90
C LEU A 252 5.22 -4.98 -15.81
N LEU A 253 5.00 -4.30 -14.69
CA LEU A 253 5.51 -2.94 -14.50
C LEU A 253 6.13 -2.74 -13.12
N GLY A 254 5.34 -3.02 -12.08
CA GLY A 254 5.74 -2.77 -10.70
C GLY A 254 7.00 -3.51 -10.26
N ALA A 255 6.93 -4.83 -10.22
CA ALA A 255 8.03 -5.66 -9.73
C ALA A 255 9.29 -5.59 -10.58
N VAL A 256 9.12 -5.52 -11.91
CA VAL A 256 10.27 -5.47 -12.82
C VAL A 256 11.06 -4.17 -12.66
N HIS A 257 10.37 -3.08 -12.34
CA HIS A 257 11.03 -1.82 -12.00
C HIS A 257 11.68 -1.94 -10.62
N GLY A 258 10.94 -2.50 -9.67
CA GLY A 258 11.44 -2.71 -8.32
C GLY A 258 12.74 -3.49 -8.24
N ILE A 259 12.76 -4.68 -8.84
CA ILE A 259 13.94 -5.55 -8.80
C ILE A 259 15.11 -4.97 -9.59
N VAL A 260 14.80 -4.22 -10.65
CA VAL A 260 15.80 -3.57 -11.49
C VAL A 260 16.54 -2.47 -10.73
N GLU A 261 15.81 -1.74 -9.88
CA GLU A 261 16.40 -0.71 -9.03
C GLU A 261 17.29 -1.32 -7.95
N ALA A 262 16.83 -2.45 -7.39
CA ALA A 262 17.54 -3.15 -6.32
C ALA A 262 18.83 -3.80 -6.82
N LEU A 263 18.79 -4.38 -8.01
CA LEU A 263 19.94 -5.03 -8.61
C LEU A 263 21.01 -4.05 -9.10
N PHE A 264 20.57 -2.95 -9.71
CA PHE A 264 21.48 -1.90 -10.16
C PHE A 264 22.25 -1.31 -8.99
N ARG A 265 21.55 -1.05 -7.90
CA ARG A 265 22.13 -0.49 -6.69
C ARG A 265 23.18 -1.45 -6.11
N ARG A 266 22.81 -2.73 -5.99
CA ARG A 266 23.71 -3.77 -5.48
C ARG A 266 25.00 -3.86 -6.30
N TYR A 267 24.87 -3.92 -7.62
CA TYR A 267 26.02 -4.08 -8.51
C TYR A 267 26.97 -2.88 -8.42
N THR A 268 26.42 -1.67 -8.46
CA THR A 268 27.20 -0.44 -8.35
C THR A 268 27.89 -0.30 -6.99
N GLU A 269 27.23 -0.78 -5.93
CA GLU A 269 27.78 -0.76 -4.58
C GLU A 269 28.93 -1.74 -4.40
N GLN A 270 28.95 -2.79 -5.23
CA GLN A 270 30.02 -3.78 -5.19
C GLN A 270 31.22 -3.39 -6.06
N GLY A 271 31.12 -2.20 -6.67
CA GLY A 271 32.24 -1.64 -7.43
C GLY A 271 32.11 -1.72 -8.94
N MET A 272 30.97 -2.22 -9.41
CA MET A 272 30.72 -2.36 -10.84
C MET A 272 30.45 -1.01 -11.51
N ASP A 273 30.94 -0.85 -12.73
CA ASP A 273 30.72 0.35 -13.54
C ASP A 273 29.21 0.59 -13.75
N GLU A 274 28.81 1.85 -13.65
CA GLU A 274 27.40 2.26 -13.75
C GLU A 274 26.71 1.78 -15.02
N GLU A 275 27.36 2.00 -16.15
CA GLU A 275 26.81 1.63 -17.46
C GLU A 275 26.75 0.11 -17.62
N MET A 276 27.77 -0.58 -17.11
CA MET A 276 27.81 -2.04 -17.12
C MET A 276 26.71 -2.60 -16.23
N ALA A 277 26.46 -1.95 -15.09
CA ALA A 277 25.40 -2.34 -14.17
C ALA A 277 24.03 -2.22 -14.81
N TYR A 278 23.81 -1.14 -15.56
CA TYR A 278 22.57 -0.93 -16.28
C TYR A 278 22.36 -2.02 -17.34
N LYS A 279 23.43 -2.36 -18.06
CA LYS A 279 23.41 -3.40 -19.08
C LYS A 279 23.09 -4.77 -18.46
N ASN A 280 23.72 -5.05 -17.32
CA ASN A 280 23.52 -6.32 -16.61
C ASN A 280 22.13 -6.44 -15.98
N THR A 281 21.43 -5.32 -15.85
CA THR A 281 20.10 -5.31 -15.25
C THR A 281 18.97 -5.07 -16.26
N VAL A 282 18.82 -3.81 -16.70
CA VAL A 282 17.70 -3.40 -17.54
C VAL A 282 17.79 -3.96 -18.96
N GLU A 283 18.96 -3.81 -19.59
CA GLU A 283 19.19 -4.26 -20.96
C GLU A 283 19.02 -5.77 -21.11
N GLY A 284 19.58 -6.52 -20.15
CA GLY A 284 19.51 -7.98 -20.15
C GLY A 284 18.09 -8.50 -20.02
N ILE A 285 17.38 -8.03 -19.00
CA ILE A 285 15.99 -8.43 -18.76
C ILE A 285 15.08 -8.10 -19.94
N THR A 286 15.12 -6.83 -20.38
CA THR A 286 14.21 -6.34 -21.42
C THR A 286 14.60 -6.74 -22.84
N GLY A 287 15.82 -7.25 -23.00
CA GLY A 287 16.33 -7.65 -24.30
C GLY A 287 16.46 -9.15 -24.47
N ILE A 288 17.59 -9.69 -24.00
CA ILE A 288 17.95 -11.09 -24.24
C ILE A 288 17.17 -12.09 -23.38
N ILE A 289 17.01 -11.79 -22.09
CA ILE A 289 16.21 -12.64 -21.19
C ILE A 289 14.77 -12.68 -21.71
N SER A 290 14.24 -11.52 -22.09
CA SER A 290 12.90 -11.43 -22.69
C SER A 290 12.78 -12.24 -23.96
N LYS A 291 13.76 -12.12 -24.85
CA LYS A 291 13.76 -12.82 -26.14
C LYS A 291 13.82 -14.34 -25.96
N THR A 292 14.66 -14.79 -25.03
CA THR A 292 14.84 -16.21 -24.74
C THR A 292 13.57 -16.86 -24.19
N ILE A 293 12.92 -16.19 -23.24
CA ILE A 293 11.66 -16.66 -22.66
C ILE A 293 10.55 -16.65 -23.72
N SER A 294 10.49 -15.57 -24.50
CA SER A 294 9.50 -15.42 -25.57
C SER A 294 9.59 -16.56 -26.58
N LYS A 295 10.81 -16.87 -27.03
CA LYS A 295 11.01 -17.88 -28.05
C LYS A 295 10.97 -19.31 -27.49
N LYS A 296 11.63 -19.54 -26.35
CA LYS A 296 11.81 -20.91 -25.85
C LYS A 296 11.58 -21.14 -24.34
N GLY A 297 11.05 -20.14 -23.63
CA GLY A 297 10.65 -20.33 -22.23
C GLY A 297 11.73 -20.11 -21.18
N MET A 298 11.34 -20.29 -19.92
CA MET A 298 12.21 -20.02 -18.76
C MET A 298 13.36 -21.00 -18.59
N LEU A 299 13.13 -22.26 -18.96
CA LEU A 299 14.15 -23.30 -18.83
C LEU A 299 15.34 -23.06 -19.78
N GLU A 300 15.09 -22.38 -20.89
CA GLU A 300 16.15 -22.00 -21.82
C GLU A 300 17.09 -20.93 -21.27
N VAL A 301 16.57 -20.06 -20.41
CA VAL A 301 17.39 -19.07 -19.71
C VAL A 301 18.44 -19.79 -18.87
N TYR A 302 17.99 -20.79 -18.12
CA TYR A 302 18.86 -21.57 -17.23
C TYR A 302 19.84 -22.45 -18.01
N ASN A 303 19.33 -23.18 -18.99
CA ASN A 303 20.14 -24.12 -19.76
C ASN A 303 21.17 -23.45 -20.69
N SER A 304 20.90 -22.19 -21.05
CA SER A 304 21.82 -21.41 -21.87
C SER A 304 23.03 -20.92 -21.07
N LEU A 305 22.87 -20.86 -19.75
CA LEU A 305 23.94 -20.39 -18.86
C LEU A 305 25.08 -21.39 -18.74
N THR A 306 26.25 -20.86 -18.37
CA THR A 306 27.43 -21.69 -18.11
C THR A 306 27.29 -22.38 -16.75
N GLU A 307 28.18 -23.34 -16.46
CA GLU A 307 28.07 -24.15 -15.26
C GLU A 307 28.23 -23.38 -13.94
N GLU A 308 29.07 -22.34 -13.95
CA GLU A 308 29.21 -21.46 -12.80
C GLU A 308 28.07 -20.44 -12.77
N GLY A 309 27.53 -20.12 -13.94
CA GLY A 309 26.38 -19.23 -14.08
C GLY A 309 25.12 -19.86 -13.53
N LYS A 310 24.97 -21.16 -13.72
CA LYS A 310 23.84 -21.92 -13.18
C LYS A 310 23.84 -21.89 -11.66
N LYS A 311 25.03 -22.00 -11.07
CA LYS A 311 25.18 -21.91 -9.61
C LYS A 311 24.84 -20.51 -9.09
N GLU A 312 25.08 -19.49 -9.93
CA GLU A 312 24.74 -18.11 -9.59
C GLU A 312 23.25 -17.82 -9.79
N PHE A 313 22.65 -18.45 -10.80
CA PHE A 313 21.22 -18.37 -11.07
C PHE A 313 20.43 -18.96 -9.91
N ASN A 314 20.83 -20.17 -9.49
CA ASN A 314 20.18 -20.87 -8.40
C ASN A 314 20.29 -20.14 -7.08
N LYS A 315 21.45 -19.52 -6.82
CA LYS A 315 21.64 -18.69 -5.64
C LYS A 315 20.63 -17.54 -5.62
N ALA A 316 20.50 -16.86 -6.74
CA ALA A 316 19.57 -15.73 -6.88
C ALA A 316 18.12 -16.18 -6.77
N TYR A 317 17.78 -17.26 -7.49
CA TYR A 317 16.41 -17.80 -7.46
C TYR A 317 15.99 -18.20 -6.05
N SER A 318 16.79 -19.05 -5.41
CA SER A 318 16.51 -19.56 -4.07
C SER A 318 16.34 -18.46 -3.02
N ALA A 319 17.07 -17.36 -3.19
CA ALA A 319 17.02 -16.23 -2.27
C ALA A 319 15.90 -15.25 -2.56
N SER A 320 15.48 -15.18 -3.83
CA SER A 320 14.51 -14.17 -4.27
C SER A 320 13.06 -14.65 -4.30
N PHE A 321 12.86 -15.96 -4.52
CA PHE A 321 11.53 -16.52 -4.75
C PHE A 321 10.48 -16.13 -3.69
N TYR A 322 10.75 -16.48 -2.43
CA TYR A 322 9.81 -16.20 -1.34
C TYR A 322 9.63 -14.71 -1.01
N PRO A 323 10.73 -13.94 -0.91
CA PRO A 323 10.59 -12.48 -0.76
C PRO A 323 9.75 -11.83 -1.85
N CYS A 324 9.88 -12.31 -3.09
CA CYS A 324 9.05 -11.85 -4.20
C CYS A 324 7.60 -12.26 -4.01
N MET A 325 7.39 -13.51 -3.57
CA MET A 325 6.06 -14.03 -3.31
C MET A 325 5.35 -13.25 -2.20
N ASP A 326 6.11 -12.84 -1.18
CA ASP A 326 5.59 -12.08 -0.05
C ASP A 326 4.81 -10.84 -0.50
N ILE A 327 5.39 -10.05 -1.41
CA ILE A 327 4.77 -8.83 -1.90
C ILE A 327 3.63 -9.13 -2.88
N LEU A 328 3.87 -10.05 -3.82
CA LEU A 328 2.84 -10.49 -4.77
C LEU A 328 1.60 -11.03 -4.04
N TYR A 329 1.83 -11.89 -3.05
CA TYR A 329 0.79 -12.46 -2.20
C TYR A 329 0.00 -11.37 -1.48
N GLU A 330 0.72 -10.39 -0.92
CA GLU A 330 0.11 -9.23 -0.28
C GLU A 330 -0.72 -8.42 -1.26
N CYS A 331 -0.11 -8.10 -2.41
CA CYS A 331 -0.73 -7.26 -3.43
C CYS A 331 -2.02 -7.86 -3.97
N TYR A 332 -1.99 -9.15 -4.30
CA TYR A 332 -3.16 -9.82 -4.86
C TYR A 332 -4.35 -9.76 -3.91
N GLU A 333 -4.12 -10.05 -2.63
CA GLU A 333 -5.19 -10.04 -1.63
C GLU A 333 -5.75 -8.63 -1.39
N ASP A 334 -4.93 -7.61 -1.65
CA ASP A 334 -5.40 -6.22 -1.62
C ASP A 334 -6.34 -5.93 -2.79
N VAL A 335 -6.07 -6.56 -3.93
CA VAL A 335 -6.88 -6.40 -5.13
C VAL A 335 -8.21 -7.13 -5.00
N ALA A 336 -8.16 -8.34 -4.45
CA ALA A 336 -9.36 -9.18 -4.28
C ALA A 336 -10.30 -8.65 -3.21
N SER A 337 -9.75 -8.11 -2.13
CA SER A 337 -10.54 -7.63 -0.99
C SER A 337 -11.29 -6.34 -1.28
N GLY A 338 -10.85 -5.62 -2.31
CA GLY A 338 -11.48 -4.35 -2.70
C GLY A 338 -10.70 -3.13 -2.24
N SER A 339 -9.56 -3.38 -1.59
CA SER A 339 -8.72 -2.31 -1.06
C SER A 339 -7.97 -1.54 -2.15
N GLU A 340 -7.43 -2.28 -3.13
CA GLU A 340 -6.60 -1.69 -4.17
C GLU A 340 -7.39 -0.87 -5.19
N ILE A 341 -8.58 -1.34 -5.55
CA ILE A 341 -9.48 -0.60 -6.43
C ILE A 341 -9.91 0.71 -5.76
N ARG A 342 -10.23 0.62 -4.47
CA ARG A 342 -10.54 1.78 -3.64
C ARG A 342 -9.38 2.78 -3.64
N SER A 343 -8.15 2.27 -3.52
CA SER A 343 -6.94 3.10 -3.54
C SER A 343 -6.78 3.87 -4.84
N VAL A 344 -7.09 3.21 -5.97
CA VAL A 344 -7.00 3.80 -7.30
C VAL A 344 -8.03 4.92 -7.49
N VAL A 345 -9.25 4.70 -7.00
CA VAL A 345 -10.33 5.69 -7.07
C VAL A 345 -9.97 6.96 -6.29
N LEU A 346 -9.51 6.79 -5.06
CA LEU A 346 -9.12 7.93 -4.21
C LEU A 346 -7.91 8.67 -4.77
N ALA A 347 -6.98 7.91 -5.36
CA ALA A 347 -5.81 8.49 -6.02
C ALA A 347 -6.21 9.34 -7.22
N GLY A 348 -7.19 8.86 -7.98
CA GLY A 348 -7.72 9.59 -9.13
C GLY A 348 -8.34 10.91 -8.74
N ARG A 349 -9.02 10.93 -7.59
CA ARG A 349 -9.62 12.14 -7.04
C ARG A 349 -8.58 13.14 -6.54
N ARG A 350 -7.41 12.63 -6.17
CA ARG A 350 -6.31 13.47 -5.67
C ARG A 350 -5.51 14.14 -6.78
N PHE A 351 -5.97 13.99 -8.03
CA PHE A 351 -5.37 14.70 -9.17
C PHE A 351 -5.87 16.13 -9.25
N TYR A 352 -6.99 16.41 -8.55
CA TYR A 352 -7.53 17.77 -8.45
C TYR A 352 -7.50 18.24 -7.00
N GLU A 353 -7.53 19.55 -6.82
CA GLU A 353 -7.54 20.16 -5.48
C GLU A 353 -8.87 19.91 -4.77
N LYS A 354 -8.78 19.40 -3.53
CA LYS A 354 -9.95 19.19 -2.68
C LYS A 354 -9.56 19.23 -1.20
N GLU A 355 -10.52 19.59 -0.35
CA GLU A 355 -10.35 19.64 1.11
C GLU A 355 -9.21 20.55 1.57
N GLY A 356 -9.03 21.67 0.86
CA GLY A 356 -8.01 22.67 1.20
C GLY A 356 -6.59 22.22 0.91
N LEU A 357 -6.45 21.07 0.26
CA LEU A 357 -5.15 20.48 -0.03
C LEU A 357 -4.80 20.63 -1.51
N PRO A 358 -3.50 20.62 -1.85
CA PRO A 358 -3.05 20.72 -3.24
C PRO A 358 -3.46 19.53 -4.10
N ALA A 359 -3.37 19.71 -5.42
CA ALA A 359 -3.58 18.62 -6.36
C ALA A 359 -2.28 17.85 -6.52
N PHE A 360 -2.38 16.52 -6.55
CA PHE A 360 -1.19 15.67 -6.67
C PHE A 360 -1.24 14.72 -7.86
N PRO A 361 -0.85 15.21 -9.05
CA PRO A 361 -0.72 14.33 -10.21
C PRO A 361 0.55 13.49 -10.11
N MET A 362 0.63 12.43 -10.91
CA MET A 362 1.79 11.55 -10.92
C MET A 362 3.03 12.25 -11.48
N GLY A 363 4.14 12.13 -10.76
CA GLY A 363 5.41 12.72 -11.18
C GLY A 363 6.24 11.76 -12.01
N ASN A 364 7.45 12.19 -12.36
CA ASN A 364 8.36 11.40 -13.18
C ASN A 364 9.09 10.35 -12.35
N ILE A 365 9.31 9.18 -12.97
CA ILE A 365 9.98 8.06 -12.30
C ILE A 365 11.33 7.70 -12.93
N ASP A 366 11.72 8.46 -13.95
CA ASP A 366 12.94 8.16 -14.72
C ASP A 366 13.98 9.27 -14.67
N GLN A 367 13.90 10.13 -13.66
CA GLN A 367 14.84 11.25 -13.53
C GLN A 367 15.95 10.98 -12.51
N THR A 368 15.94 9.77 -11.95
CA THR A 368 16.95 9.36 -10.96
C THR A 368 18.27 8.94 -11.63
N ARG A 369 19.26 8.63 -10.78
CA ARG A 369 20.59 8.24 -11.20
C ARG A 369 20.63 7.20 -12.33
N MET A 370 20.02 6.04 -12.09
CA MET A 370 20.18 4.89 -12.98
C MET A 370 19.56 5.06 -14.37
N TRP A 371 18.53 5.89 -14.46
CA TRP A 371 17.81 6.10 -15.71
C TRP A 371 18.44 7.19 -16.56
N LYS A 372 19.18 8.08 -15.91
CA LYS A 372 20.07 9.01 -16.60
C LYS A 372 21.27 8.27 -17.17
N VAL A 373 21.74 7.26 -16.43
CA VAL A 373 22.81 6.37 -16.88
C VAL A 373 22.35 5.58 -18.10
N GLY A 374 21.10 5.12 -18.06
CA GLY A 374 20.49 4.39 -19.18
C GLY A 374 20.42 5.18 -20.47
N GLU A 375 20.28 6.51 -20.33
CA GLU A 375 20.24 7.40 -21.49
C GLU A 375 21.60 7.48 -22.19
N LYS A 376 22.68 7.53 -21.40
CA LYS A 376 24.04 7.49 -21.93
C LYS A 376 24.37 6.14 -22.57
N VAL A 377 23.81 5.07 -21.99
CA VAL A 377 23.98 3.72 -22.53
C VAL A 377 23.31 3.60 -23.90
N ARG A 378 22.07 4.08 -24.00
CA ARG A 378 21.28 3.97 -25.24
C ARG A 378 21.72 4.93 -26.34
N SER A 379 22.33 6.05 -25.97
CA SER A 379 22.80 7.05 -26.93
C SER A 379 23.88 6.51 -27.86
N THR A 380 24.68 5.59 -27.32
CA THR A 380 25.80 5.00 -28.04
C THR A 380 25.61 3.49 -28.27
N ARG A 381 24.42 3.00 -27.92
CA ARG A 381 24.07 1.58 -28.08
C ARG A 381 23.87 1.22 -29.54
N PRO A 382 24.46 0.09 -29.97
CA PRO A 382 24.23 -0.42 -31.32
C PRO A 382 22.78 -0.81 -31.54
N GLU A 383 22.27 -0.51 -32.73
CA GLU A 383 20.98 -1.05 -33.17
C GLU A 383 21.20 -2.55 -33.34
N ASN A 384 20.21 -3.33 -32.93
CA ASN A 384 20.29 -4.81 -32.92
C ASN A 384 20.80 -5.40 -31.61
N ASP A 385 21.29 -4.55 -30.71
CA ASP A 385 21.79 -4.98 -29.42
C ASP A 385 20.65 -5.46 -28.51
N LEU A 386 20.91 -6.55 -27.78
CA LEU A 386 19.91 -7.13 -26.87
C LEU A 386 20.42 -7.24 -25.43
N GLY A 387 21.67 -6.85 -25.22
CA GLY A 387 22.26 -6.82 -23.88
C GLY A 387 22.85 -8.14 -23.42
N PRO A 388 23.62 -8.11 -22.32
CA PRO A 388 24.25 -9.32 -21.76
C PRO A 388 23.29 -10.15 -20.91
N LEU A 389 23.47 -11.46 -20.93
CA LEU A 389 22.69 -12.35 -20.07
C LEU A 389 23.47 -12.63 -18.78
N HIS A 390 23.15 -11.87 -17.74
CA HIS A 390 23.74 -12.04 -16.42
C HIS A 390 22.94 -13.10 -15.65
N PRO A 391 23.64 -14.12 -15.13
CA PRO A 391 23.00 -15.26 -14.47
C PRO A 391 22.28 -14.91 -13.17
N PHE A 392 22.84 -14.00 -12.39
CA PHE A 392 22.25 -13.57 -11.12
C PHE A 392 20.99 -12.73 -11.37
N THR A 393 21.09 -11.79 -12.30
CA THR A 393 19.95 -10.96 -12.71
C THR A 393 18.80 -11.85 -13.20
N ALA A 394 19.15 -12.83 -14.04
CA ALA A 394 18.19 -13.79 -14.57
C ALA A 394 17.59 -14.64 -13.46
N GLY A 395 18.41 -14.98 -12.47
CA GLY A 395 17.95 -15.72 -11.29
C GLY A 395 16.82 -15.02 -10.57
N VAL A 396 16.98 -13.71 -10.37
CA VAL A 396 15.98 -12.89 -9.69
C VAL A 396 14.71 -12.75 -10.53
N TYR A 397 14.88 -12.41 -11.81
CA TYR A 397 13.74 -12.17 -12.70
C TYR A 397 12.85 -13.40 -12.90
N VAL A 398 13.49 -14.57 -13.09
CA VAL A 398 12.76 -15.83 -13.26
C VAL A 398 12.09 -16.26 -11.95
N ALA A 399 12.77 -16.04 -10.82
CA ALA A 399 12.18 -16.29 -9.50
C ALA A 399 10.91 -15.47 -9.32
N LEU A 400 10.99 -14.18 -9.66
CA LEU A 400 9.83 -13.29 -9.66
C LEU A 400 8.71 -13.82 -10.54
N MET A 401 9.06 -14.25 -11.76
CA MET A 401 8.11 -14.80 -12.72
C MET A 401 7.41 -16.05 -12.18
N MET A 402 8.20 -16.95 -11.58
CA MET A 402 7.68 -18.19 -11.03
C MET A 402 6.80 -17.94 -9.80
N ALA A 403 7.18 -16.95 -8.98
CA ALA A 403 6.44 -16.58 -7.79
C ALA A 403 5.04 -16.04 -8.12
N GLN A 404 4.97 -15.23 -9.19
CA GLN A 404 3.70 -14.67 -9.65
C GLN A 404 2.79 -15.75 -10.24
N ILE A 405 3.38 -16.67 -11.00
CA ILE A 405 2.67 -17.82 -11.56
C ILE A 405 2.02 -18.63 -10.43
N GLU A 406 2.81 -18.93 -9.40
CA GLU A 406 2.35 -19.72 -8.26
C GLU A 406 1.24 -19.04 -7.45
N VAL A 407 1.38 -17.74 -7.21
CA VAL A 407 0.38 -16.98 -6.46
C VAL A 407 -0.98 -16.98 -7.18
N LEU A 408 -0.95 -16.73 -8.48
CA LEU A 408 -2.15 -16.77 -9.31
C LEU A 408 -2.73 -18.17 -9.41
N ARG A 409 -1.85 -19.17 -9.41
CA ARG A 409 -2.25 -20.57 -9.51
C ARG A 409 -3.03 -21.03 -8.28
N LYS A 410 -2.51 -20.75 -7.09
CA LYS A 410 -3.17 -21.11 -5.84
C LYS A 410 -4.42 -20.28 -5.57
N LYS A 411 -4.50 -19.10 -6.18
CA LYS A 411 -5.68 -18.24 -6.07
C LYS A 411 -6.74 -18.55 -7.13
N GLY A 412 -6.47 -19.56 -7.96
CA GLY A 412 -7.49 -20.17 -8.81
C GLY A 412 -7.66 -19.65 -10.23
N HIS A 413 -6.59 -19.09 -10.80
CA HIS A 413 -6.64 -18.59 -12.18
C HIS A 413 -6.26 -19.66 -13.19
N SER A 414 -6.82 -19.56 -14.39
CA SER A 414 -6.50 -20.49 -15.47
C SER A 414 -5.09 -20.25 -16.00
N TYR A 415 -4.49 -21.28 -16.60
CA TYR A 415 -3.12 -21.20 -17.09
C TYR A 415 -2.92 -20.15 -18.20
N SER A 416 -3.89 -20.06 -19.11
CA SER A 416 -3.83 -19.08 -20.20
C SER A 416 -3.78 -17.66 -19.64
N GLU A 417 -4.56 -17.41 -18.61
CA GLU A 417 -4.59 -16.11 -17.93
C GLU A 417 -3.30 -15.87 -17.15
N ILE A 418 -2.78 -16.93 -16.52
CA ILE A 418 -1.52 -16.85 -15.78
C ILE A 418 -0.36 -16.55 -16.72
N ILE A 419 -0.27 -17.29 -17.82
CA ILE A 419 0.84 -17.19 -18.77
C ILE A 419 0.86 -15.83 -19.49
N ASN A 420 -0.29 -15.39 -19.98
CA ASN A 420 -0.40 -14.07 -20.62
C ASN A 420 -0.03 -12.93 -19.66
N GLU A 421 -0.46 -13.07 -18.40
CA GLU A 421 -0.28 -12.02 -17.39
C GLU A 421 1.09 -12.01 -16.72
N SER A 422 1.75 -13.17 -16.69
CA SER A 422 3.01 -13.30 -15.96
C SER A 422 4.22 -13.53 -16.87
N VAL A 423 3.97 -14.00 -18.09
CA VAL A 423 5.07 -14.35 -19.01
C VAL A 423 5.01 -13.56 -20.32
N ILE A 424 3.97 -13.77 -21.12
CA ILE A 424 3.92 -13.28 -22.50
C ILE A 424 3.92 -11.75 -22.65
N GLU A 425 2.95 -11.08 -22.00
CA GLU A 425 2.81 -9.63 -22.13
C GLU A 425 4.04 -8.87 -21.64
N SER A 426 4.77 -9.45 -20.70
CA SER A 426 6.04 -8.88 -20.25
C SER A 426 7.12 -8.96 -21.32
N VAL A 427 7.39 -10.17 -21.80
CA VAL A 427 8.51 -10.41 -22.71
C VAL A 427 8.28 -9.96 -24.16
N ASP A 428 7.02 -10.02 -24.62
CA ASP A 428 6.67 -9.67 -25.99
C ASP A 428 6.26 -8.21 -26.15
N SER A 429 5.57 -7.69 -25.14
CA SER A 429 4.83 -6.44 -25.28
C SER A 429 5.36 -5.27 -24.46
N LEU A 430 5.61 -5.49 -23.17
CA LEU A 430 5.95 -4.38 -22.27
C LEU A 430 7.45 -4.12 -22.08
N ASN A 431 8.22 -5.18 -21.86
CA ASN A 431 9.67 -5.06 -21.72
C ASN A 431 10.39 -4.30 -22.86
N PRO A 432 10.05 -4.61 -24.14
CA PRO A 432 10.65 -3.88 -25.27
C PRO A 432 10.56 -2.36 -25.15
N PHE A 433 9.54 -1.86 -24.47
CA PHE A 433 9.38 -0.43 -24.20
C PHE A 433 10.49 0.12 -23.29
N MET A 434 10.86 -0.66 -22.28
CA MET A 434 11.92 -0.27 -21.36
C MET A 434 13.30 -0.43 -22.00
N HIS A 435 13.42 -1.38 -22.92
CA HIS A 435 14.64 -1.52 -23.73
C HIS A 435 14.78 -0.34 -24.69
N ALA A 436 13.65 0.09 -25.25
CA ALA A 436 13.62 1.20 -26.20
C ALA A 436 13.99 2.54 -25.57
N ARG A 437 13.30 2.93 -24.49
CA ARG A 437 13.47 4.26 -23.92
C ARG A 437 13.53 4.35 -22.39
N GLY A 438 13.50 3.20 -21.72
CA GLY A 438 13.59 3.19 -20.25
C GLY A 438 12.25 2.99 -19.55
N VAL A 439 12.27 3.08 -18.23
CA VAL A 439 11.11 2.72 -17.38
C VAL A 439 9.86 3.57 -17.61
N ALA A 440 10.02 4.89 -17.77
CA ALA A 440 8.89 5.80 -17.93
C ALA A 440 8.11 5.51 -19.22
N PHE A 441 8.84 5.18 -20.28
CA PHE A 441 8.25 4.88 -21.58
C PHE A 441 7.38 3.61 -21.52
N MET A 442 7.78 2.67 -20.67
CA MET A 442 7.01 1.45 -20.46
C MET A 442 5.77 1.71 -19.60
N VAL A 443 6.02 2.22 -18.39
CA VAL A 443 4.98 2.40 -17.37
C VAL A 443 3.92 3.43 -17.78
N ASP A 444 4.36 4.62 -18.18
CA ASP A 444 3.46 5.74 -18.41
C ASP A 444 2.71 5.70 -19.75
N ASN A 445 2.93 4.66 -20.54
CA ASN A 445 2.15 4.42 -21.74
C ASN A 445 0.98 3.46 -21.49
N CYS A 446 0.90 2.95 -20.27
CA CYS A 446 -0.18 2.08 -19.84
C CYS A 446 -1.34 2.90 -19.26
N SER A 447 -2.44 2.21 -18.92
CA SER A 447 -3.61 2.85 -18.34
C SER A 447 -3.27 3.51 -17.00
N THR A 448 -4.07 4.50 -16.61
CA THR A 448 -3.82 5.26 -15.38
C THR A 448 -3.75 4.36 -14.14
N THR A 449 -4.67 3.41 -14.05
CA THR A 449 -4.71 2.46 -12.93
C THR A 449 -3.44 1.58 -12.85
N ALA A 450 -2.81 1.36 -14.01
CA ALA A 450 -1.56 0.61 -14.08
C ALA A 450 -0.38 1.48 -13.64
N ARG A 451 -0.41 2.75 -14.05
CA ARG A 451 0.64 3.71 -13.72
C ARG A 451 0.70 3.98 -12.21
N LEU A 452 -0.47 4.06 -11.58
CA LEU A 452 -0.58 4.19 -10.13
C LEU A 452 -0.12 2.91 -9.43
N GLY A 453 -0.39 1.78 -10.08
CA GLY A 453 0.01 0.48 -9.57
C GLY A 453 1.51 0.29 -9.52
N SER A 454 2.18 0.62 -10.63
CA SER A 454 3.63 0.52 -10.73
C SER A 454 4.35 1.42 -9.72
N ARG A 455 3.79 2.61 -9.49
CA ARG A 455 4.38 3.57 -8.55
C ARG A 455 4.22 3.15 -7.09
N LYS A 456 3.14 2.45 -6.78
CA LYS A 456 2.83 2.04 -5.41
C LYS A 456 3.59 0.79 -4.98
N TRP A 457 3.87 -0.09 -5.92
CA TRP A 457 4.38 -1.42 -5.57
C TRP A 457 5.83 -1.72 -5.94
N ALA A 458 6.39 -0.94 -6.87
CA ALA A 458 7.82 -1.04 -7.20
C ALA A 458 8.74 -0.86 -5.99
N PRO A 459 8.47 0.16 -5.15
CA PRO A 459 9.26 0.34 -3.92
C PRO A 459 9.19 -0.85 -2.96
N ARG A 460 8.07 -1.56 -2.96
CA ARG A 460 7.88 -2.73 -2.11
C ARG A 460 8.78 -3.90 -2.52
N PHE A 461 8.96 -4.06 -3.83
CA PHE A 461 9.81 -5.12 -4.37
C PHE A 461 11.30 -4.80 -4.22
N ASP A 462 11.64 -3.52 -4.33
CA ASP A 462 13.02 -3.05 -4.12
C ASP A 462 13.47 -3.33 -2.69
N TYR A 463 12.65 -2.93 -1.72
CA TYR A 463 12.98 -3.06 -0.31
C TYR A 463 13.12 -4.51 0.15
N ILE A 464 12.12 -5.34 -0.13
CA ILE A 464 12.16 -6.74 0.31
C ILE A 464 13.32 -7.54 -0.32
N LEU A 465 13.67 -7.20 -1.56
CA LEU A 465 14.76 -7.85 -2.26
C LEU A 465 16.11 -7.45 -1.65
N THR A 466 16.22 -6.18 -1.27
CA THR A 466 17.44 -5.68 -0.63
C THR A 466 17.52 -6.12 0.84
N GLN A 467 16.38 -6.13 1.51
CA GLN A 467 16.31 -6.48 2.93
C GLN A 467 16.42 -7.98 3.20
N GLN A 468 15.89 -8.80 2.30
CA GLN A 468 15.80 -10.24 2.53
C GLN A 468 16.59 -11.09 1.52
N ALA A 469 16.32 -10.89 0.23
CA ALA A 469 16.93 -11.69 -0.83
C ALA A 469 18.44 -11.52 -0.89
N PHE A 470 18.90 -10.28 -0.88
CA PHE A 470 20.32 -9.98 -1.03
C PHE A 470 21.13 -10.31 0.23
N VAL A 471 20.47 -10.23 1.39
CA VAL A 471 21.10 -10.60 2.65
C VAL A 471 21.35 -12.11 2.70
N THR A 472 20.38 -12.89 2.20
CA THR A 472 20.49 -14.34 2.11
C THR A 472 21.71 -14.77 1.27
N VAL A 473 21.88 -14.15 0.11
CA VAL A 473 23.03 -14.40 -0.76
C VAL A 473 24.35 -14.07 -0.06
N ASP A 474 24.38 -12.92 0.62
CA ASP A 474 25.58 -12.47 1.34
C ASP A 474 25.91 -13.32 2.57
N LYS A 475 24.92 -14.05 3.07
CA LYS A 475 25.13 -15.01 4.16
C LYS A 475 25.73 -16.31 3.63
N ASP A 476 25.62 -16.52 2.32
CA ASP A 476 25.97 -17.78 1.65
C ASP A 476 25.15 -18.95 2.21
N ALA A 477 23.84 -18.73 2.30
CA ALA A 477 22.89 -19.76 2.72
C ALA A 477 22.86 -20.89 1.68
N PRO A 478 22.84 -22.15 2.15
CA PRO A 478 22.74 -23.29 1.23
C PRO A 478 21.45 -23.24 0.41
N ILE A 479 21.58 -23.44 -0.89
CA ILE A 479 20.46 -23.36 -1.84
C ILE A 479 19.29 -24.25 -1.41
N ASN A 480 18.10 -23.66 -1.37
CA ASN A 480 16.86 -24.40 -1.19
C ASN A 480 16.65 -25.29 -2.41
N GLN A 481 17.01 -26.56 -2.27
CA GLN A 481 17.06 -27.46 -3.42
C GLN A 481 15.71 -27.88 -4.00
N ASP A 482 14.70 -28.05 -3.15
CA ASP A 482 13.36 -28.38 -3.66
C ASP A 482 12.62 -27.17 -4.22
N LEU A 483 13.15 -25.97 -3.99
CA LEU A 483 12.68 -24.76 -4.68
C LEU A 483 13.18 -24.76 -6.12
N ILE A 484 14.46 -25.12 -6.28
CA ILE A 484 15.09 -25.23 -7.59
C ILE A 484 14.50 -26.41 -8.35
N SER A 485 14.27 -27.51 -7.63
CA SER A 485 13.67 -28.71 -8.21
C SER A 485 12.23 -28.46 -8.68
N ASN A 486 11.54 -27.54 -8.01
CA ASN A 486 10.19 -27.15 -8.41
C ASN A 486 10.16 -26.31 -9.68
N PHE A 487 11.13 -25.41 -9.81
CA PHE A 487 11.27 -24.59 -11.02
C PHE A 487 11.60 -25.45 -12.24
N MET A 488 12.49 -26.43 -12.05
CA MET A 488 12.91 -27.32 -13.14
C MET A 488 11.78 -28.23 -13.61
N SER A 489 10.96 -28.71 -12.68
CA SER A 489 9.93 -29.70 -12.97
C SER A 489 8.53 -29.13 -13.14
N ASP A 490 8.38 -27.82 -13.01
CA ASP A 490 7.06 -27.18 -13.04
C ASP A 490 6.33 -27.39 -14.37
N PRO A 491 5.10 -27.94 -14.32
CA PRO A 491 4.29 -28.20 -15.52
C PRO A 491 3.94 -26.95 -16.33
N VAL A 492 4.12 -25.76 -15.74
CA VAL A 492 3.82 -24.49 -16.40
C VAL A 492 4.69 -24.23 -17.63
N HIS A 493 5.93 -24.74 -17.61
CA HIS A 493 6.85 -24.58 -18.74
C HIS A 493 6.31 -25.23 -20.01
N GLY A 494 5.72 -26.42 -19.85
CA GLY A 494 5.05 -27.11 -20.95
C GLY A 494 3.79 -26.40 -21.40
N ALA A 495 3.12 -25.74 -20.45
CA ALA A 495 1.93 -24.95 -20.74
C ALA A 495 2.27 -23.67 -21.49
N ILE A 496 3.44 -23.10 -21.18
CA ILE A 496 3.94 -21.90 -21.87
C ILE A 496 4.29 -22.22 -23.32
N GLU A 497 4.86 -23.40 -23.55
CA GLU A 497 5.18 -23.88 -24.90
C GLU A 497 3.92 -23.93 -25.78
N VAL A 498 2.84 -24.46 -25.22
CA VAL A 498 1.55 -24.54 -25.91
C VAL A 498 0.96 -23.15 -26.15
N CYS A 499 0.98 -22.31 -25.11
CA CYS A 499 0.48 -20.94 -25.20
C CYS A 499 1.21 -20.08 -26.22
N ALA A 500 2.51 -20.34 -26.39
CA ALA A 500 3.36 -19.57 -27.30
C ALA A 500 2.97 -19.74 -28.77
N GLU A 501 2.30 -20.86 -29.08
CA GLU A 501 1.81 -21.10 -30.43
C GLU A 501 0.53 -20.30 -30.69
N LEU A 502 -0.20 -20.00 -29.61
CA LEU A 502 -1.42 -19.20 -29.68
C LEU A 502 -1.09 -17.73 -29.44
N ARG A 503 -0.36 -17.15 -30.37
CA ARG A 503 0.24 -15.83 -30.19
C ARG A 503 0.16 -15.04 -31.50
N PRO A 504 0.03 -13.70 -31.42
CA PRO A 504 0.11 -12.86 -32.62
C PRO A 504 1.36 -13.15 -33.44
N THR A 505 1.25 -12.99 -34.75
CA THR A 505 2.24 -13.49 -35.69
C THR A 505 3.58 -12.74 -35.70
N VAL A 506 3.56 -11.46 -35.32
CA VAL A 506 4.75 -10.61 -35.41
C VAL A 506 5.07 -9.85 -34.11
N ASP A 507 5.82 -8.75 -34.26
CA ASP A 507 6.27 -7.94 -33.12
C ASP A 507 5.32 -6.79 -32.79
N ILE A 508 5.29 -6.45 -31.50
CA ILE A 508 4.65 -5.23 -31.01
C ILE A 508 5.77 -4.29 -30.55
N SER A 509 7.01 -4.71 -30.83
CA SER A 509 8.22 -4.04 -30.33
C SER A 509 8.54 -2.72 -31.04
N VAL A 510 7.77 -1.68 -30.73
CA VAL A 510 8.00 -0.34 -31.26
C VAL A 510 7.93 0.68 -30.12
N PRO B 6 -15.91 17.38 -4.49
CA PRO B 6 -16.34 18.41 -3.56
C PRO B 6 -16.26 17.94 -2.10
N ALA B 7 -15.87 18.81 -1.17
CA ALA B 7 -15.51 20.20 -1.46
C ALA B 7 -14.15 20.55 -0.84
N VAL B 8 -13.98 21.82 -0.47
CA VAL B 8 -12.73 22.30 0.12
C VAL B 8 -12.90 22.83 1.55
N GLY B 9 -12.12 22.27 2.47
CA GLY B 9 -12.13 22.71 3.87
C GLY B 9 -12.76 21.72 4.84
N ALA B 10 -12.12 21.55 5.99
CA ALA B 10 -12.64 20.72 7.08
C ALA B 10 -12.11 21.22 8.43
N ALA B 11 -12.97 21.90 9.18
CA ALA B 11 -12.58 22.55 10.44
C ALA B 11 -12.26 21.56 11.56
N MET B 12 -11.75 22.08 12.67
CA MET B 12 -11.36 21.27 13.82
C MET B 12 -12.52 20.98 14.77
N PRO B 13 -12.90 19.69 14.90
CA PRO B 13 -13.85 19.31 15.93
C PRO B 13 -13.14 19.19 17.28
N SER B 14 -13.57 19.98 18.25
CA SER B 14 -13.00 19.96 19.59
C SER B 14 -14.05 19.53 20.61
N LEU B 15 -14.00 18.26 20.99
CA LEU B 15 -15.03 17.62 21.80
C LEU B 15 -14.93 17.98 23.28
N ASP B 16 -16.09 18.11 23.91
CA ASP B 16 -16.18 18.45 25.33
C ASP B 16 -16.78 17.28 26.11
N PHE B 17 -16.03 16.82 27.12
CA PHE B 17 -16.47 15.70 27.96
C PHE B 17 -16.99 16.15 29.32
N ASP B 18 -17.76 15.28 29.97
CA ASP B 18 -18.33 15.56 31.29
C ASP B 18 -17.73 14.65 32.36
N THR B 19 -16.93 15.25 33.23
CA THR B 19 -16.32 14.55 34.35
C THR B 19 -16.85 15.07 35.69
N SER B 20 -17.04 14.16 36.64
CA SER B 20 -17.51 14.50 37.98
C SER B 20 -16.49 14.12 39.04
N VAL B 21 -15.42 13.47 38.62
CA VAL B 21 -14.36 13.00 39.51
C VAL B 21 -13.09 13.85 39.34
N PHE B 22 -12.69 14.04 38.08
CA PHE B 22 -11.42 14.71 37.77
C PHE B 22 -11.59 16.16 37.39
N ASN B 23 -10.48 16.88 37.31
CA ASN B 23 -10.48 18.31 37.01
C ASN B 23 -10.22 18.60 35.54
N LYS B 24 -11.30 18.90 34.82
CA LYS B 24 -11.23 19.25 33.40
C LYS B 24 -10.57 20.62 33.22
N GLU B 25 -9.58 20.67 32.34
CA GLU B 25 -8.77 21.87 32.15
C GLU B 25 -8.82 22.36 30.70
N LYS B 26 -9.10 23.65 30.54
CA LYS B 26 -9.12 24.28 29.23
C LYS B 26 -7.69 24.58 28.75
N VAL B 27 -7.45 24.36 27.46
CA VAL B 27 -6.16 24.66 26.85
C VAL B 27 -6.38 25.38 25.52
N SER B 28 -5.67 26.50 25.34
CA SER B 28 -5.74 27.25 24.09
C SER B 28 -4.58 26.88 23.17
N LEU B 29 -4.91 26.27 22.03
CA LEU B 29 -3.91 25.88 21.04
C LEU B 29 -4.14 26.61 19.72
N ALA B 30 -3.37 27.68 19.52
CA ALA B 30 -3.49 28.57 18.35
C ALA B 30 -4.93 29.05 18.14
N GLY B 31 -5.59 29.41 19.24
CA GLY B 31 -6.96 29.93 19.19
C GLY B 31 -8.04 28.88 19.30
N HIS B 32 -7.65 27.62 19.45
CA HIS B 32 -8.62 26.52 19.58
C HIS B 32 -8.76 26.05 21.02
N GLU B 33 -9.98 26.13 21.54
CA GLU B 33 -10.29 25.60 22.87
C GLU B 33 -10.27 24.08 22.84
N GLU B 34 -9.56 23.49 23.80
CA GLU B 34 -9.49 22.04 23.93
C GLU B 34 -9.36 21.63 25.40
N TYR B 35 -9.93 20.47 25.73
CA TYR B 35 -10.03 20.04 27.12
C TYR B 35 -9.17 18.83 27.44
N ILE B 36 -8.48 18.92 28.59
CA ILE B 36 -7.57 17.87 29.05
C ILE B 36 -7.70 17.63 30.55
N VAL B 37 -7.11 16.53 31.01
CA VAL B 37 -7.00 16.22 32.44
C VAL B 37 -5.55 15.90 32.77
N ARG B 38 -4.96 16.68 33.68
CA ARG B 38 -3.57 16.45 34.11
C ARG B 38 -3.52 15.33 35.13
N GLY B 39 -2.70 14.31 34.84
CA GLY B 39 -2.53 13.18 35.74
C GLY B 39 -1.56 13.47 36.86
N GLY B 40 -1.38 12.48 37.74
CA GLY B 40 -0.48 12.60 38.88
C GLY B 40 -0.67 11.49 39.89
N ARG B 41 0.38 11.20 40.65
CA ARG B 41 0.35 10.14 41.68
C ARG B 41 -0.53 10.50 42.87
N ASN B 42 -0.84 11.78 43.02
CA ASN B 42 -1.70 12.27 44.09
C ASN B 42 -3.19 12.26 43.73
N LEU B 43 -3.50 11.90 42.49
CA LEU B 43 -4.88 11.77 42.03
C LEU B 43 -5.46 10.38 42.26
N PHE B 44 -4.61 9.46 42.73
CA PHE B 44 -5.02 8.06 42.92
C PHE B 44 -6.18 7.82 43.89
N PRO B 45 -6.26 8.58 45.01
CA PRO B 45 -7.43 8.43 45.89
C PRO B 45 -8.79 8.68 45.21
N LEU B 46 -8.76 9.23 44.00
CA LEU B 46 -9.99 9.47 43.23
C LEU B 46 -10.38 8.27 42.35
N LEU B 47 -9.56 7.23 42.35
CA LEU B 47 -9.80 6.04 41.52
C LEU B 47 -11.01 5.20 41.93
N PRO B 48 -11.23 4.98 43.25
CA PRO B 48 -12.45 4.27 43.66
C PRO B 48 -13.72 5.01 43.23
N GLU B 49 -13.68 6.34 43.29
CA GLU B 49 -14.76 7.20 42.82
C GLU B 49 -14.95 7.03 41.31
N ALA B 50 -13.84 6.90 40.60
CA ALA B 50 -13.84 6.73 39.14
C ALA B 50 -14.26 5.33 38.70
N PHE B 51 -13.91 4.33 39.51
CA PHE B 51 -14.16 2.92 39.16
C PHE B 51 -15.33 2.29 39.94
N LYS B 52 -16.39 3.06 40.19
CA LYS B 52 -17.57 2.52 40.86
C LYS B 52 -18.40 1.64 39.90
N GLY B 53 -18.91 0.53 40.43
CA GLY B 53 -19.60 -0.45 39.61
C GLY B 53 -18.66 -1.54 39.09
N ILE B 54 -17.36 -1.25 39.15
CA ILE B 54 -16.33 -2.21 38.75
C ILE B 54 -15.86 -3.02 39.96
N LYS B 55 -15.74 -4.33 39.76
CA LYS B 55 -15.23 -5.22 40.80
C LYS B 55 -13.97 -5.94 40.34
N GLN B 56 -13.85 -6.12 39.02
CA GLN B 56 -12.67 -6.76 38.42
C GLN B 56 -12.32 -6.12 37.08
N ILE B 57 -11.03 -5.83 36.90
CA ILE B 57 -10.52 -5.33 35.62
C ILE B 57 -9.76 -6.46 34.91
N GLY B 58 -10.17 -6.76 33.69
CA GLY B 58 -9.56 -7.83 32.91
C GLY B 58 -8.61 -7.32 31.84
N VAL B 59 -7.33 -7.63 32.02
CA VAL B 59 -6.31 -7.27 31.03
C VAL B 59 -6.07 -8.46 30.10
N ILE B 60 -6.70 -8.40 28.92
CA ILE B 60 -6.64 -9.48 27.94
C ILE B 60 -5.45 -9.29 27.01
N GLY B 61 -4.42 -10.12 27.18
CA GLY B 61 -3.23 -10.06 26.34
C GLY B 61 -1.97 -9.69 27.09
N TRP B 62 -0.84 -10.22 26.60
CA TRP B 62 0.47 -9.98 27.20
C TRP B 62 1.51 -9.71 26.10
N GLY B 63 1.28 -8.65 25.33
CA GLY B 63 2.16 -8.29 24.23
C GLY B 63 3.08 -7.14 24.57
N SER B 64 2.67 -5.93 24.18
CA SER B 64 3.45 -4.72 24.42
C SER B 64 2.78 -3.82 25.46
N GLN B 65 1.49 -3.53 25.25
CA GLN B 65 0.70 -2.72 26.18
C GLN B 65 0.21 -3.52 27.37
N GLY B 66 -0.10 -4.80 27.13
CA GLY B 66 -0.53 -5.73 28.18
C GLY B 66 0.32 -5.69 29.43
N PRO B 67 1.63 -5.99 29.31
CA PRO B 67 2.55 -5.98 30.46
C PRO B 67 2.63 -4.63 31.17
N ALA B 68 2.61 -3.54 30.41
CA ALA B 68 2.74 -2.19 30.97
C ALA B 68 1.47 -1.73 31.68
N GLN B 69 0.34 -1.82 31.00
CA GLN B 69 -0.95 -1.36 31.53
C GLN B 69 -1.41 -2.16 32.74
N ALA B 70 -1.20 -3.47 32.71
CA ALA B 70 -1.58 -4.36 33.80
C ALA B 70 -0.82 -4.05 35.08
N GLN B 71 0.49 -3.84 34.95
CA GLN B 71 1.36 -3.53 36.09
C GLN B 71 1.13 -2.12 36.64
N ASN B 72 0.82 -1.18 35.76
CA ASN B 72 0.48 0.19 36.16
C ASN B 72 -0.87 0.26 36.87
N LEU B 73 -1.81 -0.57 36.43
CA LEU B 73 -3.11 -0.70 37.08
C LEU B 73 -3.03 -1.54 38.36
N ARG B 74 -2.09 -2.48 38.39
CA ARG B 74 -1.85 -3.30 39.58
C ARG B 74 -1.29 -2.44 40.70
N ASP B 75 -0.44 -1.48 40.34
CA ASP B 75 -0.06 -0.39 41.24
C ASP B 75 -1.18 0.64 41.23
N SER B 76 -0.99 1.75 41.95
CA SER B 76 -1.98 2.84 42.00
C SER B 76 -3.27 2.48 42.74
N LEU B 77 -3.52 1.18 42.93
CA LEU B 77 -4.85 0.70 43.29
C LEU B 77 -5.25 0.23 44.72
N ALA B 78 -4.41 -0.35 45.58
CA ALA B 78 -2.92 -0.38 45.64
C ALA B 78 -2.35 0.84 46.37
N GLU B 79 -2.13 1.94 45.66
CA GLU B 79 -1.78 3.20 46.32
C GLU B 79 -3.07 3.94 46.73
N ALA B 80 -4.20 3.43 46.26
CA ALA B 80 -5.51 3.96 46.60
C ALA B 80 -6.30 3.02 47.52
N LYS B 81 -5.66 1.89 47.86
CA LYS B 81 -6.27 0.82 48.67
C LYS B 81 -7.73 0.48 48.32
N SER B 82 -7.93 -0.02 47.10
CA SER B 82 -9.25 -0.43 46.62
C SER B 82 -9.36 -1.96 46.55
N ASP B 83 -10.60 -2.46 46.46
CA ASP B 83 -10.87 -3.89 46.45
C ASP B 83 -10.78 -4.55 45.08
N ILE B 84 -10.77 -3.74 44.02
CA ILE B 84 -10.82 -4.25 42.64
C ILE B 84 -9.56 -5.01 42.22
N VAL B 85 -9.77 -6.10 41.47
CA VAL B 85 -8.71 -7.02 41.10
C VAL B 85 -8.35 -6.89 39.61
N VAL B 86 -7.05 -6.82 39.34
CA VAL B 86 -6.54 -6.81 37.97
C VAL B 86 -6.16 -8.25 37.57
N LYS B 87 -6.92 -8.81 36.63
CA LYS B 87 -6.74 -10.20 36.22
C LYS B 87 -6.32 -10.32 34.75
N ILE B 88 -5.28 -11.12 34.50
CA ILE B 88 -4.75 -11.32 33.15
C ILE B 88 -5.44 -12.51 32.47
N GLY B 89 -5.91 -12.30 31.25
CA GLY B 89 -6.50 -13.37 30.45
C GLY B 89 -5.60 -13.77 29.30
N LEU B 90 -5.33 -15.07 29.19
CA LEU B 90 -4.46 -15.61 28.15
C LEU B 90 -5.00 -16.92 27.56
N ARG B 91 -4.60 -17.22 26.33
CA ARG B 91 -4.95 -18.47 25.66
C ARG B 91 -4.22 -19.64 26.30
N LYS B 92 -4.90 -20.78 26.42
CA LYS B 92 -4.31 -21.96 27.05
C LYS B 92 -3.05 -22.40 26.31
N GLY B 93 -1.96 -22.52 27.06
CA GLY B 93 -0.66 -22.89 26.52
C GLY B 93 0.07 -21.72 25.85
N SER B 94 -0.15 -20.51 26.37
CA SER B 94 0.46 -19.30 25.83
C SER B 94 1.97 -19.28 26.06
N LYS B 95 2.69 -18.69 25.10
CA LYS B 95 4.14 -18.54 25.19
C LYS B 95 4.53 -17.37 26.09
N SER B 96 3.65 -16.38 26.18
CA SER B 96 3.84 -15.24 27.07
C SER B 96 2.99 -15.38 28.34
N PHE B 97 2.93 -16.60 28.86
CA PHE B 97 2.09 -16.90 30.02
C PHE B 97 2.75 -16.55 31.35
N ASP B 98 4.08 -16.74 31.44
CA ASP B 98 4.79 -16.56 32.70
C ASP B 98 6.32 -16.36 32.56
N GLU B 99 6.82 -15.15 32.28
CA GLU B 99 6.08 -13.89 31.96
C GLU B 99 5.16 -13.28 33.04
N ALA B 100 3.86 -13.53 32.94
CA ALA B 100 2.88 -12.94 33.86
C ALA B 100 3.08 -13.34 35.32
N ARG B 101 3.51 -14.58 35.54
CA ARG B 101 3.84 -15.05 36.89
C ARG B 101 5.16 -14.42 37.38
N ALA B 102 6.08 -14.20 36.46
CA ALA B 102 7.34 -13.52 36.75
C ALA B 102 7.12 -12.03 37.04
N ALA B 103 6.01 -11.50 36.52
CA ALA B 103 5.62 -10.12 36.78
C ALA B 103 4.84 -10.00 38.09
N GLY B 104 4.12 -11.05 38.45
CA GLY B 104 3.37 -11.09 39.71
C GLY B 104 2.02 -11.76 39.64
N PHE B 105 1.42 -11.78 38.45
CA PHE B 105 0.08 -12.32 38.24
C PHE B 105 0.12 -13.85 38.18
N THR B 106 -0.60 -14.49 39.10
CA THR B 106 -0.61 -15.96 39.21
C THR B 106 -2.03 -16.53 39.32
N GLU B 107 -2.16 -17.85 39.16
CA GLU B 107 -3.44 -18.54 39.31
C GLU B 107 -3.92 -18.58 40.76
N GLU B 108 -2.97 -18.71 41.69
CA GLU B 108 -3.26 -18.87 43.12
C GLU B 108 -3.92 -17.66 43.75
N SER B 109 -3.58 -16.47 43.25
CA SER B 109 -4.09 -15.21 43.81
C SER B 109 -5.25 -14.61 43.01
N GLY B 110 -5.70 -15.32 41.98
CA GLY B 110 -6.83 -14.89 41.15
C GLY B 110 -6.53 -13.66 40.30
N THR B 111 -5.27 -13.48 39.95
CA THR B 111 -4.83 -12.35 39.12
C THR B 111 -4.39 -12.79 37.72
N LEU B 112 -4.45 -14.11 37.48
CA LEU B 112 -4.14 -14.69 36.18
C LEU B 112 -5.00 -15.92 35.91
N GLY B 113 -5.50 -16.02 34.68
CA GLY B 113 -6.32 -17.15 34.26
C GLY B 113 -6.60 -17.17 32.77
N ASP B 114 -7.60 -17.96 32.39
CA ASP B 114 -8.02 -18.09 30.99
C ASP B 114 -8.67 -16.79 30.49
N ILE B 115 -8.45 -16.51 29.20
CA ILE B 115 -9.01 -15.32 28.54
C ILE B 115 -10.51 -15.13 28.77
N TRP B 116 -11.28 -16.17 28.47
CA TRP B 116 -12.74 -16.05 28.44
C TRP B 116 -13.40 -16.17 29.81
N GLU B 117 -12.66 -16.70 30.78
CA GLU B 117 -13.08 -16.65 32.19
C GLU B 117 -12.94 -15.23 32.71
N THR B 118 -11.91 -14.53 32.24
CA THR B 118 -11.64 -13.15 32.63
C THR B 118 -12.68 -12.20 32.04
N VAL B 119 -12.92 -12.31 30.73
CA VAL B 119 -13.89 -11.47 30.02
C VAL B 119 -15.27 -11.54 30.67
N SER B 120 -15.71 -12.76 31.00
CA SER B 120 -17.01 -13.01 31.60
C SER B 120 -17.11 -12.48 33.03
N GLY B 121 -16.00 -12.53 33.76
CA GLY B 121 -15.98 -12.10 35.16
C GLY B 121 -15.38 -10.72 35.41
N SER B 122 -15.37 -9.88 34.38
CA SER B 122 -14.84 -8.51 34.52
C SER B 122 -15.88 -7.46 34.14
N ASP B 123 -15.90 -6.38 34.91
CA ASP B 123 -16.77 -5.24 34.64
C ASP B 123 -16.11 -4.28 33.65
N LEU B 124 -14.78 -4.21 33.71
CA LEU B 124 -14.00 -3.48 32.73
C LEU B 124 -13.03 -4.43 32.03
N VAL B 125 -13.24 -4.62 30.73
CA VAL B 125 -12.41 -5.52 29.93
C VAL B 125 -11.48 -4.70 29.03
N LEU B 126 -10.18 -4.95 29.14
CA LEU B 126 -9.20 -4.27 28.32
C LEU B 126 -8.67 -5.20 27.23
N LEU B 127 -9.09 -4.93 25.99
CA LEU B 127 -8.71 -5.75 24.85
C LEU B 127 -7.33 -5.33 24.32
N LEU B 128 -6.29 -5.84 24.96
CA LEU B 128 -4.91 -5.49 24.62
C LEU B 128 -4.22 -6.64 23.87
N ILE B 129 -4.86 -7.10 22.81
CA ILE B 129 -4.32 -8.14 21.93
C ILE B 129 -4.06 -7.55 20.54
N SER B 130 -3.47 -8.35 19.67
CA SER B 130 -3.21 -7.93 18.28
C SER B 130 -4.46 -7.34 17.64
N ASP B 131 -4.28 -6.24 16.92
CA ASP B 131 -5.37 -5.55 16.24
C ASP B 131 -6.09 -6.47 15.23
N ALA B 132 -5.31 -7.28 14.52
CA ALA B 132 -5.85 -8.23 13.55
C ALA B 132 -6.61 -9.35 14.24
N ALA B 133 -6.10 -9.79 15.39
CA ALA B 133 -6.76 -10.81 16.20
C ALA B 133 -8.13 -10.34 16.68
N GLN B 134 -8.21 -9.07 17.09
CA GLN B 134 -9.49 -8.45 17.46
C GLN B 134 -10.50 -8.59 16.34
N ALA B 135 -10.08 -8.24 15.13
CA ALA B 135 -10.92 -8.24 13.93
C ALA B 135 -11.47 -9.62 13.57
N ASP B 136 -10.69 -10.66 13.84
CA ASP B 136 -11.09 -12.02 13.51
C ASP B 136 -11.77 -12.76 14.67
N ASN B 137 -11.82 -12.11 15.84
CA ASN B 137 -12.37 -12.75 17.04
C ASN B 137 -13.34 -11.89 17.87
N TYR B 138 -13.76 -10.75 17.33
CA TYR B 138 -14.63 -9.81 18.08
C TYR B 138 -15.93 -10.44 18.57
N GLU B 139 -16.56 -11.25 17.72
CA GLU B 139 -17.81 -11.94 18.05
C GLU B 139 -17.64 -12.86 19.26
N LYS B 140 -16.53 -13.59 19.25
CA LYS B 140 -16.16 -14.50 20.34
C LYS B 140 -16.00 -13.76 21.66
N ILE B 141 -15.42 -12.56 21.59
CA ILE B 141 -15.19 -11.74 22.79
C ILE B 141 -16.48 -11.07 23.28
N PHE B 142 -17.26 -10.52 22.35
CA PHE B 142 -18.52 -9.85 22.69
C PHE B 142 -19.53 -10.78 23.36
N SER B 143 -19.47 -12.07 23.01
CA SER B 143 -20.38 -13.08 23.57
C SER B 143 -20.10 -13.39 25.04
N HIS B 144 -18.81 -13.40 25.42
CA HIS B 144 -18.41 -13.69 26.80
C HIS B 144 -18.63 -12.50 27.72
N MET B 145 -18.63 -11.29 27.14
CA MET B 145 -18.82 -10.04 27.88
C MET B 145 -19.97 -10.11 28.88
N LYS B 146 -19.74 -9.59 30.08
CA LYS B 146 -20.81 -9.46 31.08
C LYS B 146 -21.81 -8.41 30.61
N PRO B 147 -23.12 -8.67 30.81
CA PRO B 147 -24.15 -7.70 30.43
C PRO B 147 -24.00 -6.40 31.21
N ASN B 148 -24.14 -5.27 30.49
CA ASN B 148 -23.94 -3.92 31.05
C ASN B 148 -22.55 -3.70 31.65
N SER B 149 -21.53 -4.10 30.90
CA SER B 149 -20.13 -3.91 31.31
C SER B 149 -19.40 -2.98 30.34
N ILE B 150 -18.13 -2.74 30.60
CA ILE B 150 -17.33 -1.79 29.83
C ILE B 150 -16.18 -2.47 29.10
N LEU B 151 -16.11 -2.26 27.79
CA LEU B 151 -14.96 -2.70 27.00
C LEU B 151 -14.02 -1.53 26.74
N GLY B 152 -12.79 -1.68 27.20
CA GLY B 152 -11.76 -0.66 27.00
C GLY B 152 -10.78 -1.08 25.92
N LEU B 153 -10.46 -0.14 25.04
CA LEU B 153 -9.50 -0.38 23.98
C LEU B 153 -8.34 0.61 24.09
N SER B 154 -7.20 0.27 23.51
CA SER B 154 -6.07 1.19 23.41
C SER B 154 -5.83 1.63 21.97
N HIS B 155 -6.82 1.33 21.12
CA HIS B 155 -6.76 1.68 19.70
C HIS B 155 -8.14 1.49 19.06
N GLY B 156 -8.46 2.35 18.10
CA GLY B 156 -9.76 2.32 17.42
C GLY B 156 -9.82 1.38 16.22
N PHE B 157 -8.86 0.47 16.13
CA PHE B 157 -8.74 -0.47 15.01
C PHE B 157 -10.01 -1.31 14.82
N LEU B 158 -10.60 -1.75 15.92
CA LEU B 158 -11.79 -2.60 15.88
C LEU B 158 -13.00 -1.87 15.31
N LEU B 159 -13.19 -0.61 15.69
CA LEU B 159 -14.28 0.21 15.15
C LEU B 159 -14.13 0.37 13.64
N GLY B 160 -12.92 0.70 13.19
CA GLY B 160 -12.61 0.81 11.77
C GLY B 160 -12.91 -0.47 11.01
N HIS B 161 -12.63 -1.61 11.65
CA HIS B 161 -12.93 -2.91 11.08
C HIS B 161 -14.44 -3.17 11.04
N LEU B 162 -15.11 -2.89 12.15
CA LEU B 162 -16.56 -3.11 12.27
C LEU B 162 -17.36 -2.26 11.29
N GLN B 163 -16.88 -1.04 11.03
CA GLN B 163 -17.53 -0.12 10.09
C GLN B 163 -17.41 -0.60 8.65
N SER B 164 -16.27 -1.19 8.31
CA SER B 164 -16.04 -1.79 6.99
C SER B 164 -17.01 -2.96 6.76
N ALA B 165 -17.20 -3.76 7.80
CA ALA B 165 -18.14 -4.88 7.77
C ALA B 165 -19.60 -4.41 7.90
N GLY B 166 -19.78 -3.14 8.23
CA GLY B 166 -21.12 -2.54 8.32
C GLY B 166 -21.77 -2.62 9.68
N LEU B 167 -21.11 -3.28 10.63
CA LEU B 167 -21.65 -3.47 11.97
C LEU B 167 -21.13 -2.43 12.97
N ASP B 168 -21.52 -2.60 14.23
CA ASP B 168 -21.07 -1.75 15.32
C ASP B 168 -20.96 -2.59 16.59
N PHE B 169 -20.36 -2.03 17.64
CA PHE B 169 -20.26 -2.68 18.95
C PHE B 169 -21.63 -3.03 19.51
N PRO B 170 -21.72 -4.12 20.31
CA PRO B 170 -22.97 -4.47 20.97
C PRO B 170 -23.53 -3.31 21.78
N LYS B 171 -24.85 -3.12 21.73
CA LYS B 171 -25.50 -1.98 22.37
C LYS B 171 -25.77 -2.19 23.86
N ASN B 172 -25.55 -3.42 24.34
CA ASN B 172 -25.72 -3.74 25.75
C ASN B 172 -24.47 -3.44 26.60
N ILE B 173 -23.38 -3.07 25.92
CA ILE B 173 -22.10 -2.82 26.59
C ILE B 173 -21.58 -1.39 26.34
N SER B 174 -20.80 -0.88 27.28
CA SER B 174 -20.16 0.42 27.16
C SER B 174 -18.81 0.28 26.46
N VAL B 175 -18.51 1.22 25.57
CA VAL B 175 -17.25 1.17 24.81
C VAL B 175 -16.42 2.43 25.02
N ILE B 176 -15.26 2.25 25.65
CA ILE B 176 -14.31 3.35 25.90
C ILE B 176 -12.93 2.99 25.37
N ALA B 177 -12.07 4.00 25.29
CA ALA B 177 -10.69 3.79 24.84
C ALA B 177 -9.72 4.75 25.50
N VAL B 178 -8.62 4.20 26.02
CA VAL B 178 -7.48 4.99 26.47
C VAL B 178 -6.26 4.53 25.67
N CYS B 179 -5.73 5.44 24.86
CA CYS B 179 -4.68 5.12 23.91
C CYS B 179 -3.39 5.87 24.25
N PRO B 180 -2.42 5.18 24.87
CA PRO B 180 -1.14 5.80 25.18
C PRO B 180 -0.41 6.22 23.90
N LYS B 181 -0.10 7.51 23.82
CA LYS B 181 0.60 8.08 22.67
C LYS B 181 2.10 7.82 22.76
N GLY B 182 2.44 6.55 23.03
CA GLY B 182 3.81 6.07 23.08
C GLY B 182 3.77 4.56 23.04
N MET B 183 4.93 3.92 22.89
CA MET B 183 5.00 2.46 22.83
C MET B 183 4.85 1.81 24.20
N GLY B 184 4.46 0.52 24.19
CA GLY B 184 4.27 -0.28 25.40
C GLY B 184 5.38 -0.18 26.43
N PRO B 185 6.64 -0.47 26.02
CA PRO B 185 7.79 -0.34 26.92
C PRO B 185 7.94 1.06 27.53
N SER B 186 7.62 2.10 26.76
CA SER B 186 7.73 3.48 27.22
C SER B 186 6.69 3.85 28.29
N VAL B 187 5.59 3.10 28.31
CA VAL B 187 4.51 3.31 29.29
C VAL B 187 4.96 2.89 30.70
N ARG B 188 5.53 1.70 30.80
CA ARG B 188 6.04 1.19 32.08
C ARG B 188 7.33 1.88 32.50
N ARG B 189 8.14 2.28 31.50
CA ARG B 189 9.48 2.82 31.74
C ARG B 189 9.50 4.17 32.48
N LEU B 190 8.51 5.02 32.21
CA LEU B 190 8.46 6.32 32.89
C LEU B 190 7.59 6.27 34.14
N TYR B 191 7.55 5.09 34.77
CA TYR B 191 6.67 4.82 35.90
C TYR B 191 6.90 3.43 36.52
N VAL B 192 7.93 3.21 37.37
CA VAL B 192 9.31 3.77 37.34
C VAL B 192 9.59 5.26 37.61
N GLN B 193 10.08 5.99 36.60
CA GLN B 193 10.66 7.33 36.79
C GLN B 193 9.67 8.38 37.32
N GLY B 194 8.41 7.94 37.50
CA GLY B 194 7.37 8.77 38.09
C GLY B 194 7.00 8.36 39.51
N LYS B 195 7.57 7.25 39.97
CA LYS B 195 7.39 6.79 41.35
C LYS B 195 8.16 7.68 42.33
N GLU B 196 9.25 8.28 41.83
CA GLU B 196 10.06 9.22 42.61
C GLU B 196 9.65 10.67 42.38
N ILE B 197 9.46 11.05 41.12
CA ILE B 197 9.12 12.43 40.76
C ILE B 197 7.66 12.56 40.33
N ASN B 198 7.03 13.67 40.73
CA ASN B 198 5.60 13.92 40.54
C ASN B 198 5.01 13.48 39.18
N GLY B 199 5.63 13.93 38.10
CA GLY B 199 5.12 13.65 36.74
C GLY B 199 5.56 12.30 36.19
N ALA B 200 6.08 12.33 34.97
CA ALA B 200 6.60 11.15 34.26
C ALA B 200 5.56 10.07 33.92
N GLY B 201 5.37 9.85 32.62
CA GLY B 201 4.43 8.86 32.09
C GLY B 201 4.34 8.94 30.58
N ILE B 202 3.19 8.56 30.03
CA ILE B 202 2.96 8.65 28.59
C ILE B 202 1.61 9.30 28.30
N ASN B 203 1.65 10.42 27.57
CA ASN B 203 0.44 11.12 27.11
C ASN B 203 -0.54 10.16 26.46
N SER B 204 -1.83 10.37 26.73
CA SER B 204 -2.86 9.48 26.20
C SER B 204 -4.07 10.25 25.69
N SER B 205 -4.73 9.69 24.69
CA SER B 205 -6.04 10.16 24.27
C SER B 205 -7.10 9.22 24.82
N PHE B 206 -8.28 9.77 25.09
CA PHE B 206 -9.40 8.94 25.50
C PHE B 206 -10.61 9.15 24.60
N ALA B 207 -11.40 8.09 24.44
CA ALA B 207 -12.63 8.15 23.65
C ALA B 207 -13.76 7.48 24.40
N VAL B 208 -14.96 8.03 24.27
CA VAL B 208 -16.17 7.40 24.80
C VAL B 208 -17.12 7.15 23.63
N HIS B 209 -17.11 5.90 23.14
CA HIS B 209 -17.90 5.52 21.98
C HIS B 209 -19.37 5.29 22.34
N GLN B 210 -19.60 4.51 23.38
CA GLN B 210 -20.94 4.20 23.85
C GLN B 210 -21.00 4.27 25.36
N ASP B 211 -21.86 5.15 25.88
CA ASP B 211 -22.06 5.30 27.31
C ASP B 211 -23.37 4.65 27.72
N VAL B 212 -23.28 3.55 28.45
CA VAL B 212 -24.45 2.73 28.79
C VAL B 212 -25.22 3.26 30.01
N ASP B 213 -24.54 3.91 30.94
CA ASP B 213 -25.16 4.35 32.19
C ASP B 213 -24.61 5.66 32.78
N GLY B 214 -23.68 6.30 32.08
CA GLY B 214 -23.09 7.56 32.54
C GLY B 214 -21.77 7.40 33.29
N ARG B 215 -21.33 6.15 33.42
CA ARG B 215 -20.09 5.84 34.14
C ARG B 215 -18.86 5.90 33.23
N ALA B 216 -19.08 5.87 31.92
CA ALA B 216 -18.03 5.65 30.93
C ALA B 216 -16.85 6.63 30.97
N THR B 217 -17.14 7.93 30.97
CA THR B 217 -16.10 8.96 30.90
C THR B 217 -15.09 8.85 32.04
N ASP B 218 -15.60 8.73 33.26
CA ASP B 218 -14.76 8.65 34.46
C ASP B 218 -13.95 7.37 34.58
N VAL B 219 -14.50 6.27 34.04
CA VAL B 219 -13.79 4.99 33.99
C VAL B 219 -12.59 5.12 33.06
N ALA B 220 -12.81 5.70 31.88
CA ALA B 220 -11.76 5.97 30.91
C ALA B 220 -10.71 6.93 31.46
N LEU B 221 -11.17 8.00 32.12
CA LEU B 221 -10.28 8.96 32.77
C LEU B 221 -9.48 8.34 33.91
N GLY B 222 -10.15 7.55 34.74
CA GLY B 222 -9.50 6.84 35.85
C GLY B 222 -8.44 5.87 35.37
N TRP B 223 -8.77 5.13 34.30
CA TRP B 223 -7.85 4.19 33.68
C TRP B 223 -6.63 4.92 33.09
N SER B 224 -6.84 6.10 32.53
CA SER B 224 -5.76 6.91 31.97
C SER B 224 -4.81 7.46 33.04
N VAL B 225 -5.38 7.94 34.15
CA VAL B 225 -4.60 8.47 35.27
C VAL B 225 -3.77 7.35 35.93
N ALA B 226 -4.38 6.17 36.06
CA ALA B 226 -3.72 5.00 36.65
C ALA B 226 -2.49 4.57 35.86
N LEU B 227 -2.51 4.76 34.54
CA LEU B 227 -1.37 4.46 33.68
C LEU B 227 -0.23 5.45 33.87
N GLY B 228 -0.57 6.66 34.31
CA GLY B 228 0.41 7.70 34.60
C GLY B 228 0.49 8.80 33.57
N SER B 229 -0.57 8.94 32.77
CA SER B 229 -0.63 9.91 31.68
C SER B 229 -0.51 11.36 32.18
N PRO B 230 0.57 12.07 31.77
CA PRO B 230 0.80 13.46 32.15
C PRO B 230 -0.35 14.36 31.74
N PHE B 231 -0.81 14.23 30.49
CA PHE B 231 -2.09 14.81 30.10
C PHE B 231 -2.91 13.84 29.24
N THR B 232 -4.21 13.84 29.48
CA THR B 232 -5.15 13.02 28.73
C THR B 232 -6.06 13.93 27.93
N PHE B 233 -5.97 13.85 26.60
CA PHE B 233 -6.83 14.66 25.74
C PHE B 233 -7.99 13.86 25.13
N ALA B 234 -9.06 14.57 24.77
CA ALA B 234 -10.27 13.94 24.26
C ALA B 234 -10.22 13.71 22.76
N THR B 235 -10.77 12.58 22.33
CA THR B 235 -10.91 12.22 20.92
C THR B 235 -12.04 11.20 20.76
N THR B 236 -12.26 10.76 19.52
CA THR B 236 -13.19 9.66 19.25
C THR B 236 -12.39 8.47 18.74
N LEU B 237 -12.98 7.27 18.84
CA LEU B 237 -12.38 6.08 18.25
C LEU B 237 -12.15 6.29 16.75
N GLU B 238 -13.13 6.90 16.10
CA GLU B 238 -13.05 7.29 14.68
C GLU B 238 -11.78 8.08 14.40
N GLN B 239 -11.58 9.16 15.16
CA GLN B 239 -10.41 10.03 14.98
C GLN B 239 -9.10 9.36 15.39
N GLU B 240 -9.16 8.51 16.40
CA GLU B 240 -7.96 7.86 16.93
C GLU B 240 -7.30 6.93 15.93
N TYR B 241 -8.06 5.98 15.38
CA TYR B 241 -7.49 5.02 14.43
C TYR B 241 -7.09 5.66 13.10
N LYS B 242 -7.81 6.70 12.69
CA LYS B 242 -7.48 7.42 11.45
C LYS B 242 -6.15 8.16 11.57
N SER B 243 -5.86 8.65 12.77
CA SER B 243 -4.63 9.39 13.04
C SER B 243 -3.46 8.50 13.46
N ASP B 244 -3.76 7.46 14.25
CA ASP B 244 -2.72 6.58 14.78
C ASP B 244 -2.14 5.61 13.74
N ILE B 245 -3.02 4.94 12.99
CA ILE B 245 -2.60 4.04 11.91
C ILE B 245 -1.83 4.83 10.84
N PHE B 246 -2.32 6.03 10.54
CA PHE B 246 -1.65 6.97 9.64
C PHE B 246 -0.31 7.45 10.23
N GLY B 247 -0.32 7.76 11.52
CA GLY B 247 0.86 8.30 12.21
C GLY B 247 2.08 7.40 12.17
N GLU B 248 1.88 6.13 12.52
CA GLU B 248 2.97 5.14 12.51
C GLU B 248 3.52 4.90 11.11
N ARG B 249 2.65 5.03 10.10
CA ARG B 249 3.05 4.94 8.70
C ARG B 249 3.69 6.25 8.23
N GLY B 250 3.39 7.33 8.95
CA GLY B 250 4.00 8.63 8.69
C GLY B 250 5.31 8.79 9.44
N ILE B 251 5.54 10.00 9.96
CA ILE B 251 6.82 10.37 10.56
C ILE B 251 7.29 9.46 11.70
N LEU B 252 6.35 8.87 12.43
CA LEU B 252 6.66 8.07 13.62
C LEU B 252 7.61 6.91 13.35
N LEU B 253 7.34 6.15 12.29
CA LEU B 253 8.16 4.98 11.95
C LEU B 253 8.46 4.91 10.45
N GLY B 254 7.41 4.80 9.65
CA GLY B 254 7.53 4.59 8.20
C GLY B 254 8.27 5.69 7.45
N ALA B 255 7.77 6.92 7.58
CA ALA B 255 8.32 8.04 6.83
C ALA B 255 9.76 8.39 7.20
N VAL B 256 10.05 8.44 8.50
CA VAL B 256 11.41 8.73 8.98
C VAL B 256 12.42 7.67 8.51
N HIS B 257 11.96 6.42 8.39
CA HIS B 257 12.78 5.33 7.88
C HIS B 257 13.13 5.57 6.42
N GLY B 258 12.10 5.78 5.59
CA GLY B 258 12.28 6.05 4.16
C GLY B 258 13.10 7.29 3.87
N ILE B 259 12.88 8.34 4.65
CA ILE B 259 13.65 9.59 4.56
C ILE B 259 15.13 9.35 4.89
N VAL B 260 15.37 8.54 5.92
CA VAL B 260 16.73 8.21 6.37
C VAL B 260 17.49 7.36 5.34
N GLU B 261 16.80 6.41 4.73
CA GLU B 261 17.40 5.53 3.72
C GLU B 261 17.77 6.32 2.46
N ALA B 262 16.91 7.25 2.07
CA ALA B 262 17.11 8.04 0.85
C ALA B 262 18.24 9.05 0.99
N LEU B 263 18.29 9.73 2.13
CA LEU B 263 19.34 10.73 2.40
C LEU B 263 20.72 10.09 2.56
N PHE B 264 20.79 8.91 3.17
CA PHE B 264 22.04 8.17 3.32
C PHE B 264 22.62 7.80 1.96
N ARG B 265 21.74 7.34 1.07
CA ARG B 265 22.13 6.92 -0.28
C ARG B 265 22.58 8.11 -1.12
N ARG B 266 21.96 9.27 -0.90
CA ARG B 266 22.32 10.49 -1.61
C ARG B 266 23.72 10.97 -1.23
N TYR B 267 24.00 10.98 0.07
CA TYR B 267 25.29 11.46 0.57
C TYR B 267 26.46 10.57 0.16
N THR B 268 26.23 9.26 0.17
CA THR B 268 27.26 8.30 -0.24
C THR B 268 27.54 8.35 -1.75
N GLU B 269 26.52 8.65 -2.54
CA GLU B 269 26.67 8.85 -3.98
C GLU B 269 27.40 10.15 -4.29
N GLN B 270 27.34 11.11 -3.36
CA GLN B 270 27.99 12.41 -3.51
C GLN B 270 29.45 12.40 -3.06
N GLY B 271 29.90 11.28 -2.50
CA GLY B 271 31.30 11.13 -2.10
C GLY B 271 31.54 11.01 -0.61
N MET B 272 30.56 11.43 0.19
CA MET B 272 30.64 11.35 1.65
C MET B 272 30.79 9.89 2.09
N ASP B 273 31.77 9.64 2.96
CA ASP B 273 32.03 8.28 3.44
C ASP B 273 30.88 7.75 4.31
N GLU B 274 30.77 6.43 4.36
CA GLU B 274 29.63 5.75 4.99
C GLU B 274 29.31 6.21 6.42
N GLU B 275 30.33 6.31 7.26
CA GLU B 275 30.14 6.57 8.69
C GLU B 275 29.60 7.97 8.99
N MET B 276 30.06 8.98 8.24
CA MET B 276 29.56 10.35 8.39
C MET B 276 28.13 10.49 7.86
N ALA B 277 27.81 9.70 6.83
CA ALA B 277 26.49 9.72 6.21
C ALA B 277 25.38 9.27 7.18
N TYR B 278 25.67 8.23 7.96
CA TYR B 278 24.77 7.73 8.99
C TYR B 278 24.61 8.76 10.11
N LYS B 279 25.72 9.42 10.47
CA LYS B 279 25.72 10.44 11.50
C LYS B 279 24.91 11.68 11.09
N ASN B 280 25.01 12.02 9.80
CA ASN B 280 24.26 13.15 9.25
C ASN B 280 22.77 12.88 9.05
N THR B 281 22.38 11.61 9.11
CA THR B 281 20.98 11.23 8.92
C THR B 281 20.32 10.71 10.20
N VAL B 282 20.66 9.49 10.58
CA VAL B 282 20.03 8.81 11.72
C VAL B 282 20.37 9.46 13.06
N GLU B 283 21.66 9.73 13.27
CA GLU B 283 22.15 10.31 14.52
C GLU B 283 21.68 11.75 14.72
N GLY B 284 21.64 12.51 13.64
CA GLY B 284 21.20 13.91 13.66
C GLY B 284 19.72 14.06 13.98
N ILE B 285 18.88 13.32 13.24
CA ILE B 285 17.43 13.34 13.42
C ILE B 285 17.04 12.87 14.83
N THR B 286 17.66 11.78 15.29
CA THR B 286 17.33 11.20 16.59
C THR B 286 18.21 11.76 17.72
N GLY B 287 19.05 12.75 17.38
CA GLY B 287 19.90 13.42 18.36
C GLY B 287 19.44 14.83 18.65
N ILE B 288 20.18 15.81 18.12
CA ILE B 288 19.90 17.23 18.36
C ILE B 288 18.51 17.62 17.86
N ILE B 289 18.19 17.25 16.62
CA ILE B 289 16.91 17.60 16.00
C ILE B 289 15.73 17.18 16.89
N SER B 290 15.72 15.93 17.31
CA SER B 290 14.69 15.41 18.22
C SER B 290 14.67 16.17 19.55
N LYS B 291 15.85 16.49 20.06
CA LYS B 291 15.97 17.17 21.35
C LYS B 291 15.62 18.66 21.25
N THR B 292 16.01 19.29 20.14
CA THR B 292 15.74 20.71 19.90
C THR B 292 14.25 20.96 19.67
N ILE B 293 13.60 20.05 18.94
CA ILE B 293 12.16 20.12 18.72
C ILE B 293 11.37 19.87 20.00
N SER B 294 11.83 18.91 20.80
CA SER B 294 11.18 18.54 22.07
C SER B 294 11.15 19.66 23.11
N LYS B 295 12.09 20.59 23.01
CA LYS B 295 12.26 21.62 24.04
C LYS B 295 12.09 23.06 23.55
N LYS B 296 12.26 23.28 22.25
CA LYS B 296 12.16 24.63 21.67
C LYS B 296 11.33 24.69 20.39
N GLY B 297 11.22 23.56 19.69
CA GLY B 297 10.39 23.48 18.49
C GLY B 297 11.16 23.47 17.18
N MET B 298 10.43 23.51 16.08
CA MET B 298 11.00 23.44 14.73
C MET B 298 11.71 24.72 14.30
N LEU B 299 11.20 25.86 14.74
CA LEU B 299 11.76 27.17 14.38
C LEU B 299 13.19 27.36 14.91
N GLU B 300 13.45 26.81 16.09
CA GLU B 300 14.76 26.94 16.74
C GLU B 300 15.81 26.06 16.07
N VAL B 301 15.37 24.97 15.43
CA VAL B 301 16.26 24.12 14.63
C VAL B 301 16.85 24.95 13.49
N TYR B 302 15.98 25.70 12.80
CA TYR B 302 16.38 26.57 11.71
C TYR B 302 17.30 27.71 12.17
N ASN B 303 16.95 28.33 13.30
CA ASN B 303 17.68 29.48 13.82
C ASN B 303 19.11 29.19 14.25
N SER B 304 19.34 28.00 14.82
CA SER B 304 20.66 27.59 15.30
C SER B 304 21.67 27.38 14.16
N LEU B 305 21.16 27.15 12.96
CA LEU B 305 22.00 26.90 11.78
C LEU B 305 22.78 28.14 11.34
N THR B 306 23.85 27.89 10.59
CA THR B 306 24.65 28.96 9.96
C THR B 306 23.82 29.61 8.85
N GLU B 307 24.29 30.75 8.35
CA GLU B 307 23.65 31.42 7.21
C GLU B 307 23.71 30.56 5.95
N GLU B 308 24.80 29.79 5.83
CA GLU B 308 24.94 28.78 4.76
C GLU B 308 23.97 27.63 5.00
N GLY B 309 23.79 27.28 6.27
CA GLY B 309 22.91 26.18 6.67
C GLY B 309 21.43 26.49 6.48
N LYS B 310 21.05 27.74 6.75
CA LYS B 310 19.67 28.20 6.59
C LYS B 310 19.20 28.11 5.14
N LYS B 311 20.09 28.41 4.20
CA LYS B 311 19.81 28.27 2.77
C LYS B 311 19.65 26.80 2.39
N GLU B 312 20.50 25.95 2.95
CA GLU B 312 20.45 24.49 2.74
C GLU B 312 19.17 23.89 3.28
N PHE B 313 18.76 24.34 4.47
CA PHE B 313 17.50 23.93 5.09
C PHE B 313 16.32 24.30 4.19
N ASN B 314 16.36 25.52 3.64
CA ASN B 314 15.30 26.00 2.75
C ASN B 314 15.24 25.26 1.42
N LYS B 315 16.40 24.94 0.85
CA LYS B 315 16.48 24.13 -0.37
C LYS B 315 15.81 22.78 -0.19
N ALA B 316 16.08 22.15 0.96
CA ALA B 316 15.53 20.83 1.28
C ALA B 316 14.03 20.88 1.56
N TYR B 317 13.62 21.80 2.45
CA TYR B 317 12.21 21.96 2.82
C TYR B 317 11.33 22.24 1.60
N SER B 318 11.73 23.24 0.81
CA SER B 318 10.98 23.66 -0.38
C SER B 318 10.78 22.52 -1.40
N ALA B 319 11.76 21.62 -1.48
CA ALA B 319 11.71 20.51 -2.42
C ALA B 319 11.06 19.26 -1.84
N SER B 320 11.08 19.11 -0.51
CA SER B 320 10.61 17.90 0.14
C SER B 320 9.16 17.95 0.63
N PHE B 321 8.68 19.15 0.95
CA PHE B 321 7.35 19.34 1.54
C PHE B 321 6.22 18.64 0.76
N TYR B 322 6.11 18.96 -0.53
CA TYR B 322 5.02 18.43 -1.35
C TYR B 322 5.09 16.93 -1.66
N PRO B 323 6.28 16.43 -2.10
CA PRO B 323 6.45 14.98 -2.27
C PRO B 323 6.14 14.18 -1.00
N CYS B 324 6.48 14.73 0.16
CA CYS B 324 6.13 14.10 1.44
C CYS B 324 4.63 14.10 1.68
N MET B 325 3.98 15.22 1.34
CA MET B 325 2.53 15.35 1.46
C MET B 325 1.80 14.36 0.57
N ASP B 326 2.31 14.17 -0.64
CA ASP B 326 1.74 13.25 -1.63
C ASP B 326 1.46 11.87 -1.02
N ILE B 327 2.47 11.30 -0.36
CA ILE B 327 2.37 9.96 0.21
C ILE B 327 1.51 9.97 1.47
N LEU B 328 1.67 11.00 2.30
CA LEU B 328 0.89 11.14 3.53
C LEU B 328 -0.60 11.31 3.24
N TYR B 329 -0.91 12.12 2.23
CA TYR B 329 -2.26 12.31 1.73
C TYR B 329 -2.86 10.96 1.32
N GLU B 330 -2.11 10.22 0.52
CA GLU B 330 -2.52 8.89 0.04
C GLU B 330 -2.76 7.93 1.19
N CYS B 331 -1.81 7.89 2.13
CA CYS B 331 -1.86 6.98 3.26
C CYS B 331 -3.09 7.21 4.14
N TYR B 332 -3.33 8.47 4.50
CA TYR B 332 -4.48 8.82 5.33
C TYR B 332 -5.79 8.33 4.73
N GLU B 333 -5.96 8.56 3.43
CA GLU B 333 -7.20 8.20 2.74
C GLU B 333 -7.39 6.68 2.64
N ASP B 334 -6.29 5.94 2.61
CA ASP B 334 -6.33 4.49 2.66
C ASP B 334 -6.77 3.99 4.03
N VAL B 335 -6.41 4.74 5.07
CA VAL B 335 -6.81 4.41 6.44
C VAL B 335 -8.27 4.78 6.67
N ALA B 336 -8.63 6.01 6.30
CA ALA B 336 -9.98 6.54 6.49
C ALA B 336 -11.07 5.77 5.75
N SER B 337 -10.72 5.23 4.58
CA SER B 337 -11.67 4.45 3.79
C SER B 337 -11.78 3.00 4.28
N GLY B 338 -10.78 2.57 5.05
CA GLY B 338 -10.78 1.23 5.63
C GLY B 338 -9.99 0.21 4.83
N SER B 339 -9.28 0.68 3.81
CA SER B 339 -8.46 -0.19 2.97
C SER B 339 -7.23 -0.71 3.73
N GLU B 340 -6.62 0.14 4.53
CA GLU B 340 -5.41 -0.20 5.28
C GLU B 340 -5.70 -1.15 6.45
N ILE B 341 -6.85 -0.97 7.09
CA ILE B 341 -7.28 -1.87 8.16
C ILE B 341 -7.49 -3.29 7.60
N ARG B 342 -8.16 -3.36 6.45
CA ARG B 342 -8.31 -4.62 5.72
C ARG B 342 -6.96 -5.24 5.39
N SER B 343 -6.01 -4.41 4.94
CA SER B 343 -4.66 -4.85 4.60
C SER B 343 -3.92 -5.45 5.79
N VAL B 344 -4.08 -4.83 6.97
CA VAL B 344 -3.48 -5.34 8.20
C VAL B 344 -4.09 -6.68 8.62
N VAL B 345 -5.41 -6.79 8.49
CA VAL B 345 -6.15 -8.01 8.84
C VAL B 345 -5.69 -9.20 7.99
N LEU B 346 -5.57 -8.98 6.68
CA LEU B 346 -5.17 -10.02 5.75
C LEU B 346 -3.70 -10.43 5.94
N ALA B 347 -2.85 -9.44 6.23
CA ALA B 347 -1.43 -9.68 6.51
C ALA B 347 -1.24 -10.53 7.76
N GLY B 348 -2.08 -10.30 8.76
CA GLY B 348 -2.09 -11.08 9.99
C GLY B 348 -2.47 -12.53 9.75
N ARG B 349 -3.39 -12.74 8.81
CA ARG B 349 -3.79 -14.09 8.40
C ARG B 349 -2.67 -14.79 7.63
N ARG B 350 -1.90 -14.01 6.87
CA ARG B 350 -0.81 -14.53 6.05
C ARG B 350 0.41 -14.97 6.86
N PHE B 351 0.41 -14.68 8.16
CA PHE B 351 1.49 -15.12 9.04
C PHE B 351 1.50 -16.64 9.24
N TYR B 352 0.46 -17.30 8.72
CA TYR B 352 0.32 -18.75 8.82
C TYR B 352 -0.01 -19.35 7.45
N GLU B 353 0.31 -20.64 7.29
CA GLU B 353 0.06 -21.35 6.04
C GLU B 353 -1.44 -21.51 5.76
N LYS B 354 -1.85 -21.06 4.58
CA LYS B 354 -3.21 -21.27 4.10
C LYS B 354 -3.26 -21.31 2.57
N GLU B 355 -4.30 -21.96 2.03
CA GLU B 355 -4.58 -21.99 0.59
C GLU B 355 -3.45 -22.61 -0.25
N GLY B 356 -2.60 -23.41 0.39
CA GLY B 356 -1.47 -24.04 -0.29
C GLY B 356 -0.26 -23.12 -0.45
N LEU B 357 -0.36 -21.92 0.11
CA LEU B 357 0.73 -20.95 0.06
C LEU B 357 1.50 -20.91 1.39
N PRO B 358 2.81 -20.60 1.34
CA PRO B 358 3.65 -20.58 2.54
C PRO B 358 3.29 -19.47 3.53
N ALA B 359 3.78 -19.59 4.76
CA ALA B 359 3.58 -18.57 5.77
C ALA B 359 4.61 -17.47 5.63
N PHE B 360 4.16 -16.22 5.79
CA PHE B 360 5.04 -15.06 5.64
C PHE B 360 5.05 -14.15 6.86
N PRO B 361 5.84 -14.52 7.90
CA PRO B 361 6.03 -13.61 9.02
C PRO B 361 6.87 -12.41 8.60
N MET B 362 6.83 -11.33 9.39
CA MET B 362 7.61 -10.14 9.10
C MET B 362 9.11 -10.43 9.18
N GLY B 363 9.86 -9.89 8.23
CA GLY B 363 11.30 -10.10 8.17
C GLY B 363 12.09 -9.03 8.87
N ASN B 364 13.41 -9.12 8.78
CA ASN B 364 14.31 -8.12 9.37
C ASN B 364 14.54 -6.96 8.43
N ILE B 365 14.39 -5.74 8.94
CA ILE B 365 14.51 -4.53 8.13
C ILE B 365 15.83 -3.77 8.34
N ASP B 366 16.72 -4.33 9.17
CA ASP B 366 17.97 -3.66 9.52
C ASP B 366 19.23 -4.48 9.25
N GLN B 367 19.18 -5.33 8.22
CA GLN B 367 20.32 -6.17 7.86
C GLN B 367 21.05 -5.62 6.63
N THR B 368 20.52 -4.53 6.07
CA THR B 368 21.07 -3.92 4.86
C THR B 368 22.34 -3.09 5.13
N ARG B 369 22.83 -2.43 4.08
CA ARG B 369 24.10 -1.68 4.10
C ARG B 369 24.23 -0.69 5.25
N MET B 370 23.32 0.29 5.32
CA MET B 370 23.46 1.42 6.24
C MET B 370 23.30 1.09 7.72
N TRP B 371 22.60 0.00 8.02
CA TRP B 371 22.35 -0.39 9.41
C TRP B 371 23.49 -1.21 9.99
N LYS B 372 24.34 -1.77 9.11
CA LYS B 372 25.60 -2.38 9.53
C LYS B 372 26.65 -1.30 9.78
N VAL B 373 26.51 -0.18 9.06
CA VAL B 373 27.31 1.02 9.29
C VAL B 373 26.92 1.63 10.64
N GLY B 374 25.63 1.52 10.98
CA GLY B 374 25.11 1.95 12.28
C GLY B 374 25.72 1.19 13.45
N GLU B 375 26.01 -0.10 13.24
CA GLU B 375 26.68 -0.93 14.24
C GLU B 375 28.08 -0.40 14.51
N LYS B 376 28.81 -0.10 13.44
CA LYS B 376 30.20 0.39 13.52
C LYS B 376 30.28 1.77 14.16
N VAL B 377 29.31 2.64 13.85
CA VAL B 377 29.25 3.99 14.40
C VAL B 377 29.00 3.97 15.91
N ARG B 378 28.01 3.19 16.34
CA ARG B 378 27.60 3.13 17.74
C ARG B 378 28.61 2.41 18.66
N SER B 379 29.39 1.50 18.08
CA SER B 379 30.38 0.71 18.82
C SER B 379 31.49 1.56 19.44
N THR B 380 31.81 2.67 18.77
CA THR B 380 32.81 3.62 19.27
C THR B 380 32.23 5.01 19.47
N ARG B 381 30.95 5.07 19.84
CA ARG B 381 30.26 6.33 20.11
C ARG B 381 30.21 6.60 21.61
N PRO B 382 30.69 7.79 22.04
CA PRO B 382 30.63 8.16 23.46
C PRO B 382 29.20 8.35 23.96
N GLU B 383 28.99 8.13 25.26
CA GLU B 383 27.67 8.26 25.88
C GLU B 383 27.17 9.70 25.84
N ASN B 384 25.85 9.85 25.82
CA ASN B 384 25.18 11.16 25.74
C ASN B 384 25.45 11.92 24.44
N ASP B 385 25.82 11.18 23.39
CA ASP B 385 26.11 11.77 22.09
C ASP B 385 24.83 12.25 21.41
N LEU B 386 24.90 13.41 20.78
CA LEU B 386 23.74 14.03 20.16
C LEU B 386 23.86 14.09 18.63
N GLY B 387 25.05 13.79 18.13
CA GLY B 387 25.30 13.74 16.68
C GLY B 387 25.48 15.11 16.03
N PRO B 388 25.89 15.12 14.75
CA PRO B 388 26.02 16.37 14.00
C PRO B 388 24.69 16.85 13.42
N LEU B 389 24.55 18.18 13.30
CA LEU B 389 23.35 18.78 12.73
C LEU B 389 23.58 19.17 11.27
N HIS B 390 23.12 18.31 10.37
CA HIS B 390 23.19 18.60 8.94
C HIS B 390 22.00 19.45 8.52
N PRO B 391 22.27 20.61 7.88
CA PRO B 391 21.24 21.55 7.46
C PRO B 391 20.24 20.96 6.45
N PHE B 392 20.76 20.19 5.49
CA PHE B 392 19.92 19.58 4.45
C PHE B 392 19.01 18.49 5.04
N THR B 393 19.56 17.70 5.97
CA THR B 393 18.80 16.65 6.64
C THR B 393 17.67 17.26 7.48
N ALA B 394 17.99 18.33 8.22
CA ALA B 394 17.01 19.05 9.01
C ALA B 394 15.85 19.53 8.14
N GLY B 395 16.17 20.12 6.99
CA GLY B 395 15.18 20.60 6.04
C GLY B 395 14.18 19.54 5.60
N VAL B 396 14.68 18.35 5.28
CA VAL B 396 13.84 17.23 4.85
C VAL B 396 12.93 16.75 5.98
N TYR B 397 13.51 16.49 7.15
CA TYR B 397 12.78 15.95 8.29
C TYR B 397 11.70 16.91 8.80
N VAL B 398 12.05 18.19 8.91
CA VAL B 398 11.10 19.22 9.34
C VAL B 398 10.00 19.43 8.30
N ALA B 399 10.35 19.31 7.02
CA ALA B 399 9.35 19.36 5.93
C ALA B 399 8.36 18.23 6.04
N LEU B 400 8.87 17.03 6.34
CA LEU B 400 8.05 15.85 6.56
C LEU B 400 7.09 16.04 7.74
N MET B 401 7.62 16.64 8.81
CA MET B 401 6.83 16.93 10.01
C MET B 401 5.69 17.90 9.70
N MET B 402 6.01 18.96 8.96
CA MET B 402 5.03 19.99 8.60
C MET B 402 4.00 19.49 7.59
N ALA B 403 4.42 18.57 6.72
CA ALA B 403 3.52 17.94 5.76
C ALA B 403 2.49 17.07 6.48
N GLN B 404 2.93 16.31 7.47
CA GLN B 404 2.03 15.48 8.27
C GLN B 404 1.02 16.34 9.03
N ILE B 405 1.50 17.42 9.63
CA ILE B 405 0.65 18.36 10.36
C ILE B 405 -0.48 18.89 9.45
N GLU B 406 -0.11 19.37 8.27
CA GLU B 406 -1.07 19.94 7.32
C GLU B 406 -2.14 18.95 6.86
N VAL B 407 -1.75 17.70 6.60
CA VAL B 407 -2.68 16.65 6.19
C VAL B 407 -3.76 16.45 7.27
N LEU B 408 -3.32 16.13 8.49
CA LEU B 408 -4.23 15.92 9.63
C LEU B 408 -5.06 17.16 9.94
N ARG B 409 -4.46 18.33 9.76
CA ARG B 409 -5.12 19.62 9.96
C ARG B 409 -6.30 19.79 9.00
N LYS B 410 -6.07 19.51 7.72
CA LYS B 410 -7.10 19.60 6.70
C LYS B 410 -8.09 18.43 6.75
N LYS B 411 -7.74 17.39 7.51
CA LYS B 411 -8.64 16.26 7.71
C LYS B 411 -9.44 16.37 9.01
N GLY B 412 -9.35 17.54 9.65
CA GLY B 412 -10.16 17.84 10.82
C GLY B 412 -9.82 17.05 12.07
N HIS B 413 -8.58 17.18 12.52
CA HIS B 413 -8.17 16.66 13.82
C HIS B 413 -7.84 17.83 14.74
N SER B 414 -8.00 17.61 16.05
CA SER B 414 -7.62 18.61 17.05
C SER B 414 -6.10 18.74 17.11
N TYR B 415 -5.62 19.91 17.54
CA TYR B 415 -4.18 20.17 17.58
C TYR B 415 -3.39 19.22 18.49
N SER B 416 -3.99 18.83 19.62
CA SER B 416 -3.36 17.87 20.53
C SER B 416 -3.06 16.55 19.82
N GLU B 417 -4.01 16.07 19.04
CA GLU B 417 -3.84 14.84 18.27
C GLU B 417 -2.77 15.00 17.20
N ILE B 418 -2.77 16.16 16.53
CA ILE B 418 -1.78 16.46 15.50
C ILE B 418 -0.37 16.59 16.09
N ILE B 419 -0.26 17.36 17.18
CA ILE B 419 1.03 17.61 17.82
C ILE B 419 1.62 16.35 18.47
N ASN B 420 0.77 15.52 19.07
CA ASN B 420 1.22 14.24 19.62
C ASN B 420 1.63 13.24 18.54
N GLU B 421 0.83 13.15 17.48
CA GLU B 421 1.05 12.17 16.42
C GLU B 421 2.18 12.56 15.47
N SER B 422 2.48 13.85 15.37
CA SER B 422 3.45 14.34 14.39
C SER B 422 4.72 14.92 15.01
N VAL B 423 4.64 15.35 16.26
CA VAL B 423 5.76 16.03 16.92
C VAL B 423 6.24 15.31 18.19
N ILE B 424 5.35 15.18 19.18
CA ILE B 424 5.70 14.67 20.50
C ILE B 424 6.19 13.22 20.51
N GLU B 425 5.30 12.28 20.14
CA GLU B 425 5.60 10.84 20.17
C GLU B 425 6.89 10.51 19.43
N SER B 426 7.11 11.21 18.31
CA SER B 426 8.31 11.02 17.51
C SER B 426 9.57 11.41 18.27
N VAL B 427 9.66 12.67 18.69
CA VAL B 427 10.88 13.22 19.30
C VAL B 427 11.12 12.77 20.75
N ASP B 428 10.04 12.44 21.46
CA ASP B 428 10.13 12.03 22.86
C ASP B 428 10.24 10.52 23.04
N SER B 429 9.27 9.79 22.47
CA SER B 429 9.15 8.36 22.71
C SER B 429 10.02 7.49 21.77
N LEU B 430 9.75 7.57 20.47
CA LEU B 430 10.27 6.58 19.51
C LEU B 430 11.72 6.81 19.07
N ASN B 431 12.05 8.04 18.70
CA ASN B 431 13.38 8.37 18.16
C ASN B 431 14.60 7.94 19.01
N PRO B 432 14.53 8.09 20.35
CA PRO B 432 15.62 7.57 21.19
C PRO B 432 15.97 6.09 20.92
N PHE B 433 14.96 5.27 20.65
CA PHE B 433 15.15 3.84 20.36
C PHE B 433 15.98 3.61 19.09
N MET B 434 15.76 4.43 18.07
CA MET B 434 16.57 4.37 16.85
C MET B 434 17.98 4.90 17.08
N HIS B 435 18.10 5.91 17.93
CA HIS B 435 19.40 6.43 18.33
C HIS B 435 20.17 5.39 19.14
N ALA B 436 19.44 4.61 19.93
CA ALA B 436 20.02 3.59 20.79
C ALA B 436 20.56 2.38 20.01
N ARG B 437 19.74 1.83 19.12
CA ARG B 437 20.08 0.57 18.43
C ARG B 437 19.58 0.41 16.98
N GLY B 438 19.30 1.52 16.31
CA GLY B 438 18.89 1.48 14.90
C GLY B 438 17.39 1.39 14.68
N VAL B 439 16.99 1.28 13.42
CA VAL B 439 15.57 1.35 13.01
C VAL B 439 14.69 0.23 13.59
N ALA B 440 15.21 -0.99 13.64
CA ALA B 440 14.44 -2.16 14.07
C ALA B 440 14.08 -2.10 15.55
N PHE B 441 14.97 -1.54 16.35
CA PHE B 441 14.75 -1.37 17.78
C PHE B 441 13.62 -0.37 18.07
N MET B 442 13.35 0.50 17.10
CA MET B 442 12.27 1.46 17.20
C MET B 442 10.96 0.88 16.65
N VAL B 443 11.02 0.34 15.44
CA VAL B 443 9.85 -0.18 14.74
C VAL B 443 9.27 -1.43 15.40
N ASP B 444 10.11 -2.43 15.61
CA ASP B 444 9.66 -3.75 16.08
C ASP B 444 9.30 -3.81 17.56
N ASN B 445 9.52 -2.72 18.29
CA ASN B 445 9.03 -2.58 19.65
C ASN B 445 7.60 -2.05 19.71
N CYS B 446 7.15 -1.48 18.59
CA CYS B 446 5.76 -1.04 18.43
C CYS B 446 4.83 -2.21 18.08
N SER B 447 3.54 -1.93 17.98
CA SER B 447 2.53 -2.95 17.68
C SER B 447 2.72 -3.55 16.30
N THR B 448 2.22 -4.77 16.10
CA THR B 448 2.29 -5.46 14.81
C THR B 448 1.66 -4.64 13.68
N THR B 449 0.62 -3.87 14.01
CA THR B 449 -0.03 -2.97 13.06
C THR B 449 0.92 -1.85 12.63
N ALA B 450 1.66 -1.30 13.60
CA ALA B 450 2.67 -0.29 13.34
C ALA B 450 3.87 -0.86 12.57
N ARG B 451 4.23 -2.10 12.92
CA ARG B 451 5.36 -2.80 12.29
C ARG B 451 5.08 -3.11 10.82
N LEU B 452 3.89 -3.62 10.54
CA LEU B 452 3.44 -3.86 9.16
C LEU B 452 3.31 -2.55 8.39
N GLY B 453 2.88 -1.51 9.10
CA GLY B 453 2.68 -0.19 8.50
C GLY B 453 3.96 0.47 8.05
N SER B 454 5.00 0.38 8.89
CA SER B 454 6.31 0.94 8.58
C SER B 454 6.96 0.25 7.37
N ARG B 455 6.86 -1.08 7.34
CA ARG B 455 7.43 -1.88 6.25
C ARG B 455 6.80 -1.58 4.90
N LYS B 456 5.52 -1.22 4.91
CA LYS B 456 4.76 -0.96 3.69
C LYS B 456 4.97 0.45 3.14
N TRP B 457 5.12 1.42 4.02
CA TRP B 457 5.10 2.82 3.61
C TRP B 457 6.46 3.53 3.63
N ALA B 458 7.43 2.94 4.31
CA ALA B 458 8.82 3.44 4.26
C ALA B 458 9.37 3.51 2.83
N PRO B 459 9.17 2.43 2.03
CA PRO B 459 9.67 2.43 0.65
C PRO B 459 9.07 3.53 -0.23
N ARG B 460 7.85 3.94 0.09
CA ARG B 460 7.14 4.96 -0.68
C ARG B 460 7.72 6.35 -0.48
N PHE B 461 8.25 6.61 0.73
CA PHE B 461 8.88 7.90 1.02
C PHE B 461 10.30 7.98 0.47
N ASP B 462 11.03 6.87 0.53
CA ASP B 462 12.35 6.75 -0.08
C ASP B 462 12.28 7.08 -1.57
N TYR B 463 11.35 6.42 -2.26
CA TYR B 463 11.17 6.61 -3.70
C TYR B 463 10.73 8.02 -4.09
N ILE B 464 9.77 8.58 -3.35
CA ILE B 464 9.26 9.92 -3.64
C ILE B 464 10.34 11.02 -3.42
N LEU B 465 11.19 10.82 -2.41
CA LEU B 465 12.30 11.75 -2.15
C LEU B 465 13.35 11.70 -3.24
N THR B 466 13.70 10.49 -3.67
CA THR B 466 14.73 10.28 -4.68
C THR B 466 14.26 10.72 -6.08
N GLN B 467 13.01 10.36 -6.41
CA GLN B 467 12.45 10.65 -7.73
C GLN B 467 12.09 12.12 -7.93
N GLN B 468 11.61 12.76 -6.88
CA GLN B 468 11.06 14.12 -7.00
C GLN B 468 11.85 15.19 -6.23
N ALA B 469 11.93 15.02 -4.91
CA ALA B 469 12.56 16.01 -4.04
C ALA B 469 14.04 16.25 -4.36
N PHE B 470 14.80 15.15 -4.46
CA PHE B 470 16.24 15.23 -4.77
C PHE B 470 16.49 15.74 -6.19
N VAL B 471 15.61 15.40 -7.11
CA VAL B 471 15.70 15.87 -8.50
C VAL B 471 15.43 17.38 -8.59
N THR B 472 14.53 17.87 -7.75
CA THR B 472 14.22 19.31 -7.66
C THR B 472 15.44 20.11 -7.17
N VAL B 473 16.13 19.59 -6.16
CA VAL B 473 17.34 20.21 -5.62
C VAL B 473 18.46 20.25 -6.67
N ASP B 474 18.63 19.15 -7.39
CA ASP B 474 19.67 19.01 -8.41
C ASP B 474 19.41 19.85 -9.66
N LYS B 475 18.14 20.05 -9.99
CA LYS B 475 17.74 20.95 -11.07
C LYS B 475 17.99 22.42 -10.68
N ASP B 476 18.23 22.64 -9.39
CA ASP B 476 18.49 23.96 -8.81
C ASP B 476 17.33 24.93 -9.04
N ALA B 477 16.11 24.41 -8.93
CA ALA B 477 14.89 25.20 -9.07
C ALA B 477 14.79 26.28 -8.00
N PRO B 478 14.18 27.44 -8.32
CA PRO B 478 14.02 28.50 -7.34
C PRO B 478 13.27 28.04 -6.09
N ILE B 479 13.71 28.52 -4.94
CA ILE B 479 13.08 28.20 -3.65
C ILE B 479 11.65 28.72 -3.62
N ASN B 480 10.71 27.86 -3.22
CA ASN B 480 9.32 28.27 -2.99
C ASN B 480 9.27 29.23 -1.79
N GLN B 481 9.01 30.49 -2.07
CA GLN B 481 9.04 31.54 -1.06
C GLN B 481 7.80 31.51 -0.15
N ASP B 482 6.68 31.03 -0.68
CA ASP B 482 5.44 30.92 0.09
C ASP B 482 5.50 29.78 1.11
N LEU B 483 6.07 28.64 0.71
CA LEU B 483 6.26 27.50 1.60
C LEU B 483 7.13 27.86 2.80
N ILE B 484 8.24 28.53 2.53
CA ILE B 484 9.19 28.95 3.57
C ILE B 484 8.54 29.99 4.49
N SER B 485 7.84 30.95 3.89
CA SER B 485 7.13 32.00 4.64
C SER B 485 6.01 31.42 5.51
N ASN B 486 5.32 30.40 5.00
CA ASN B 486 4.24 29.75 5.75
C ASN B 486 4.75 28.87 6.89
N PHE B 487 5.92 28.27 6.70
CA PHE B 487 6.57 27.48 7.74
C PHE B 487 6.95 28.34 8.94
N MET B 488 7.43 29.55 8.68
CA MET B 488 7.89 30.45 9.72
C MET B 488 6.73 31.05 10.53
N SER B 489 5.57 31.20 9.89
CA SER B 489 4.42 31.83 10.51
C SER B 489 3.31 30.85 10.88
N ASP B 490 3.59 29.54 10.75
CA ASP B 490 2.59 28.50 11.02
C ASP B 490 2.15 28.49 12.48
N PRO B 491 0.83 28.50 12.72
CA PRO B 491 0.21 28.47 14.05
C PRO B 491 0.63 27.29 14.94
N VAL B 492 1.12 26.21 14.35
CA VAL B 492 1.49 25.01 15.11
C VAL B 492 2.69 25.21 16.04
N HIS B 493 3.61 26.07 15.63
CA HIS B 493 4.85 26.31 16.39
C HIS B 493 4.58 26.87 17.77
N GLY B 494 3.65 27.82 17.85
CA GLY B 494 3.18 28.37 19.12
C GLY B 494 2.33 27.37 19.89
N ALA B 495 1.59 26.53 19.17
CA ALA B 495 0.74 25.51 19.76
C ALA B 495 1.56 24.38 20.39
N ILE B 496 2.72 24.09 19.80
CA ILE B 496 3.65 23.09 20.33
C ILE B 496 4.27 23.57 21.65
N GLU B 497 4.54 24.87 21.73
CA GLU B 497 5.06 25.51 22.94
C GLU B 497 4.10 25.34 24.12
N VAL B 498 2.80 25.47 23.85
CA VAL B 498 1.75 25.29 24.85
C VAL B 498 1.66 23.82 25.29
N CYS B 499 1.83 22.91 24.34
CA CYS B 499 1.83 21.47 24.60
C CYS B 499 3.05 21.04 25.41
N ALA B 500 4.22 21.61 25.08
CA ALA B 500 5.48 21.27 25.73
C ALA B 500 5.49 21.60 27.23
N GLU B 501 4.55 22.44 27.65
CA GLU B 501 4.36 22.77 29.07
C GLU B 501 3.78 21.58 29.83
N LEU B 502 2.98 20.77 29.13
CA LEU B 502 2.29 19.62 29.72
C LEU B 502 3.15 18.36 29.69
N ARG B 503 4.21 18.39 28.89
CA ARG B 503 5.18 17.30 28.77
C ARG B 503 5.77 16.90 30.14
N PRO B 504 5.89 15.58 30.41
CA PRO B 504 6.54 15.12 31.63
C PRO B 504 8.02 15.51 31.64
N THR B 505 8.43 16.24 32.67
CA THR B 505 9.75 16.89 32.71
C THR B 505 10.94 15.95 32.98
N VAL B 506 10.82 14.70 32.54
CA VAL B 506 11.93 13.74 32.58
C VAL B 506 12.08 13.08 31.21
N ASP B 507 13.28 13.14 30.65
CA ASP B 507 13.59 12.47 29.39
C ASP B 507 13.56 10.96 29.57
N ILE B 508 13.11 10.25 28.53
CA ILE B 508 13.06 8.80 28.56
C ILE B 508 14.46 8.19 28.43
N SER B 509 14.84 7.40 29.43
CA SER B 509 16.14 6.73 29.44
C SER B 509 16.01 5.35 28.79
N VAL B 510 16.57 5.23 27.58
CA VAL B 510 16.54 3.96 26.85
C VAL B 510 17.96 3.39 26.72
N PRO B 511 18.31 2.42 27.58
CA PRO B 511 19.60 1.74 27.49
C PRO B 511 19.63 0.73 26.34
N ALA B 512 20.82 0.32 25.94
CA ALA B 512 21.00 -0.67 24.88
C ALA B 512 20.40 -2.02 25.27
N ASN B 513 20.79 -2.53 26.43
CA ASN B 513 20.27 -3.79 26.94
C ASN B 513 19.07 -3.58 27.87
N ALA B 514 18.01 -3.00 27.30
CA ALA B 514 16.78 -2.72 28.02
C ALA B 514 16.02 -4.02 28.35
N ASP B 515 15.52 -4.12 29.58
CA ASP B 515 14.73 -5.27 30.00
C ASP B 515 13.24 -5.01 29.83
N PHE B 516 12.85 -3.74 29.74
CA PHE B 516 11.45 -3.33 29.66
C PHE B 516 10.86 -3.40 28.25
N VAL B 517 11.71 -3.66 27.25
CA VAL B 517 11.26 -3.86 25.88
C VAL B 517 10.61 -5.23 25.69
N ARG B 518 10.13 -5.50 24.47
CA ARG B 518 9.54 -6.80 24.13
C ARG B 518 10.49 -7.94 24.46
N PRO B 519 9.98 -8.99 25.14
CA PRO B 519 10.78 -10.13 25.65
C PRO B 519 11.52 -10.95 24.58
N GLU B 520 11.67 -10.40 23.38
CA GLU B 520 12.42 -11.05 22.32
C GLU B 520 13.48 -10.14 21.67
N LEU B 521 13.53 -8.89 22.13
CA LEU B 521 14.53 -7.93 21.65
C LEU B 521 15.49 -7.46 22.76
N ARG B 522 15.46 -8.16 23.90
CA ARG B 522 16.29 -7.81 25.06
C ARG B 522 17.75 -8.20 24.86
#